data_7CGR
#
_entry.id   7CGR
#
_cell.length_a   59.857
_cell.length_b   90.520
_cell.length_c   134.693
_cell.angle_alpha   90.000
_cell.angle_beta   101.930
_cell.angle_gamma   90.000
#
_symmetry.space_group_name_H-M   'P 1 21 1'
#
loop_
_entity.id
_entity.type
_entity.pdbx_description
1 polymer 'L-arabinose 1-dehydrogenase (NAD(P)(+))'
2 non-polymer 'NADP NICOTINAMIDE-ADENINE-DINUCLEOTIDE PHOSPHATE'
3 non-polymer GLYCEROL
4 water water
#
_entity_poly.entity_id   1
_entity_poly.type   'polypeptide(L)'
_entity_poly.pdbx_seq_one_letter_code
;MRGSHHHHHHGSDQVSLGVVGIGKIARDQHLPAIDAEPGFKLTACASRHAEVTGVRNYRDLRALLAAERELDAVSLCAPP
QVRYAQARAALEAGKHVMLEKPPGATLGEVAVLEALARERGLTLFATWHSRCASAVEPAREWLATRAIRAVQVRWKADVR
RWHPGQQWIWEPGGLGVFDPGINALSIVTRILPRELVLREATLIVPSDVQTPIAAELDCADTDGVPVRAEFDWRHGPVEQ
WEIAVDTADGVLAISRGGAQLSIAGEPVELGPEREYPALYAHFHALIARGESDVDVRPLRLVADAFLFGRRVQTDAFGR
;
_entity_poly.pdbx_strand_id   A,B,C,D
#
# COMPACT_ATOMS: atom_id res chain seq x y z
N GLN A 14 13.46 -7.18 -10.18
CA GLN A 14 12.63 -6.21 -10.88
C GLN A 14 11.69 -6.89 -11.87
N VAL A 15 10.45 -6.39 -11.94
CA VAL A 15 9.51 -6.84 -12.96
C VAL A 15 9.75 -6.05 -14.23
N SER A 16 9.96 -6.75 -15.35
CA SER A 16 10.19 -6.10 -16.62
C SER A 16 8.86 -5.60 -17.19
N LEU A 17 8.83 -4.33 -17.60
CA LEU A 17 7.59 -3.65 -17.94
C LEU A 17 7.67 -3.04 -19.32
N GLY A 18 6.58 -3.14 -20.07
CA GLY A 18 6.43 -2.45 -21.34
C GLY A 18 5.22 -1.54 -21.31
N VAL A 19 5.33 -0.40 -22.00
CA VAL A 19 4.26 0.60 -22.07
C VAL A 19 3.81 0.73 -23.52
N VAL A 20 2.50 0.81 -23.72
CA VAL A 20 1.89 0.85 -25.05
C VAL A 20 1.15 2.17 -25.21
N GLY A 21 1.47 2.90 -26.28
CA GLY A 21 0.81 4.16 -26.58
C GLY A 21 1.44 5.32 -25.85
N ILE A 22 2.50 5.88 -26.43
CA ILE A 22 3.28 6.93 -25.75
C ILE A 22 2.69 8.26 -26.20
N GLY A 23 1.62 8.66 -25.52
CA GLY A 23 0.98 9.93 -25.81
C GLY A 23 1.03 10.89 -24.63
N LYS A 24 -0.06 11.63 -24.41
CA LYS A 24 -0.04 12.69 -23.40
C LYS A 24 0.17 12.13 -22.01
N ILE A 25 -0.67 11.19 -21.58
CA ILE A 25 -0.59 10.72 -20.20
C ILE A 25 0.63 9.83 -20.00
N ALA A 26 1.10 9.17 -21.06
CA ALA A 26 2.32 8.38 -20.94
C ALA A 26 3.53 9.27 -20.66
N ARG A 27 3.61 10.43 -21.33
CA ARG A 27 4.71 11.34 -21.08
C ARG A 27 4.52 12.10 -19.77
N ASP A 28 3.30 12.53 -19.48
CA ASP A 28 3.07 13.36 -18.31
C ASP A 28 3.21 12.56 -17.02
N GLN A 29 2.74 11.30 -17.01
CA GLN A 29 2.60 10.62 -15.72
C GLN A 29 3.21 9.24 -15.67
N HIS A 30 3.04 8.42 -16.72
CA HIS A 30 3.42 7.02 -16.61
C HIS A 30 4.94 6.85 -16.58
N LEU A 31 5.65 7.40 -17.56
CA LEU A 31 7.10 7.21 -17.61
C LEU A 31 7.82 7.80 -16.40
N PRO A 32 7.50 9.00 -15.90
CA PRO A 32 8.11 9.43 -14.64
C PRO A 32 7.81 8.50 -13.46
N ALA A 33 6.58 8.02 -13.33
CA ALA A 33 6.24 7.15 -12.21
C ALA A 33 6.96 5.81 -12.31
N ILE A 34 7.04 5.26 -13.52
CA ILE A 34 7.76 4.00 -13.71
C ILE A 34 9.24 4.16 -13.38
N ASP A 35 9.84 5.26 -13.85
CA ASP A 35 11.26 5.50 -13.61
C ASP A 35 11.59 5.58 -12.12
N ALA A 36 10.67 6.12 -11.32
CA ALA A 36 10.89 6.26 -9.89
C ALA A 36 10.40 5.07 -9.08
N GLU A 37 9.84 4.05 -9.72
CA GLU A 37 9.37 2.87 -9.02
C GLU A 37 10.43 1.78 -9.12
N PRO A 38 11.11 1.43 -8.02
CA PRO A 38 12.20 0.44 -8.11
C PRO A 38 11.73 -0.96 -8.45
N GLY A 39 10.46 -1.30 -8.23
CA GLY A 39 10.00 -2.64 -8.52
C GLY A 39 9.92 -2.97 -9.99
N PHE A 40 9.93 -1.97 -10.86
CA PHE A 40 9.79 -2.17 -12.29
C PHE A 40 11.07 -1.77 -13.02
N LYS A 41 11.34 -2.48 -14.11
CA LYS A 41 12.37 -2.12 -15.08
C LYS A 41 11.65 -1.82 -16.39
N LEU A 42 11.66 -0.56 -16.81
CA LEU A 42 11.12 -0.22 -18.12
C LEU A 42 11.98 -0.88 -19.19
N THR A 43 11.41 -1.87 -19.88
CA THR A 43 12.16 -2.68 -20.84
C THR A 43 11.85 -2.33 -22.28
N ALA A 44 10.58 -2.05 -22.61
CA ALA A 44 10.21 -1.80 -23.99
C ALA A 44 9.03 -0.84 -24.05
N CYS A 45 8.85 -0.23 -25.20
CA CYS A 45 7.70 0.63 -25.46
C CYS A 45 7.20 0.39 -26.87
N ALA A 46 5.90 0.54 -27.05
CA ALA A 46 5.25 0.40 -28.36
C ALA A 46 4.48 1.67 -28.67
N SER A 47 4.75 2.25 -29.84
CA SER A 47 4.04 3.45 -30.28
C SER A 47 4.28 3.64 -31.76
N ARG A 48 3.22 3.98 -32.49
CA ARG A 48 3.33 4.15 -33.93
C ARG A 48 4.12 5.41 -34.30
N HIS A 49 4.05 6.45 -33.46
CA HIS A 49 4.61 7.74 -33.81
C HIS A 49 5.46 8.33 -32.69
N ALA A 50 6.09 7.48 -31.88
CA ALA A 50 6.92 7.97 -30.78
C ALA A 50 7.85 6.86 -30.31
N GLU A 51 8.97 7.26 -29.72
CA GLU A 51 9.92 6.33 -29.12
C GLU A 51 10.40 6.89 -27.79
N VAL A 52 10.80 5.99 -26.90
CA VAL A 52 11.30 6.33 -25.58
C VAL A 52 12.79 6.01 -25.55
N THR A 53 13.61 7.03 -25.33
CA THR A 53 15.05 6.83 -25.32
C THR A 53 15.46 5.94 -24.16
N GLY A 54 16.46 5.10 -24.40
CA GLY A 54 16.99 4.22 -23.37
C GLY A 54 16.34 2.86 -23.28
N VAL A 55 15.28 2.60 -24.06
CA VAL A 55 14.62 1.31 -24.04
C VAL A 55 14.38 0.85 -25.48
N ARG A 56 14.12 -0.44 -25.63
CA ARG A 56 13.78 -0.99 -26.94
C ARG A 56 12.41 -0.49 -27.36
N ASN A 57 12.26 -0.17 -28.64
CA ASN A 57 11.06 0.48 -29.15
C ASN A 57 10.47 -0.33 -30.30
N TYR A 58 9.13 -0.39 -30.32
CA TYR A 58 8.39 -1.10 -31.35
C TYR A 58 7.27 -0.20 -31.85
N ARG A 59 6.80 -0.49 -33.07
CA ARG A 59 5.72 0.28 -33.65
C ARG A 59 4.37 -0.12 -33.08
N ASP A 60 4.22 -1.38 -32.66
CA ASP A 60 2.93 -1.89 -32.24
C ASP A 60 3.16 -2.97 -31.18
N LEU A 61 2.09 -3.25 -30.42
CA LEU A 61 2.19 -4.24 -29.35
C LEU A 61 2.47 -5.64 -29.88
N ARG A 62 1.94 -5.97 -31.07
CA ARG A 62 2.17 -7.30 -31.63
C ARG A 62 3.66 -7.59 -31.79
N ALA A 63 4.41 -6.64 -32.36
CA ALA A 63 5.84 -6.84 -32.55
C ALA A 63 6.59 -6.84 -31.23
N LEU A 64 6.15 -6.01 -30.27
CA LEU A 64 6.76 -6.02 -28.95
C LEU A 64 6.62 -7.38 -28.29
N LEU A 65 5.40 -7.93 -28.28
CA LEU A 65 5.17 -9.22 -27.63
C LEU A 65 5.93 -10.35 -28.33
N ALA A 66 6.02 -10.29 -29.66
CA ALA A 66 6.75 -11.33 -30.39
C ALA A 66 8.23 -11.34 -29.99
N ALA A 67 8.81 -10.17 -29.76
CA ALA A 67 10.23 -10.05 -29.49
C ALA A 67 10.59 -10.15 -28.02
N GLU A 68 9.72 -9.69 -27.12
CA GLU A 68 10.04 -9.59 -25.70
C GLU A 68 9.43 -10.77 -24.93
N ARG A 69 10.03 -11.94 -25.13
CA ARG A 69 9.47 -13.16 -24.57
C ARG A 69 9.62 -13.22 -23.05
N GLU A 70 10.66 -12.60 -22.50
CA GLU A 70 10.88 -12.62 -21.06
C GLU A 70 10.23 -11.44 -20.34
N LEU A 71 9.59 -10.53 -21.08
CA LEU A 71 8.87 -9.43 -20.47
C LEU A 71 7.76 -9.96 -19.56
N ASP A 72 7.55 -9.29 -18.43
CA ASP A 72 6.60 -9.74 -17.42
C ASP A 72 5.25 -9.04 -17.49
N ALA A 73 5.23 -7.75 -17.82
CA ALA A 73 4.03 -6.95 -17.63
C ALA A 73 3.95 -5.87 -18.70
N VAL A 74 2.72 -5.44 -18.96
CA VAL A 74 2.43 -4.39 -19.92
C VAL A 74 1.49 -3.38 -19.27
N SER A 75 1.68 -2.10 -19.55
CA SER A 75 0.77 -1.05 -19.12
C SER A 75 0.26 -0.33 -20.36
N LEU A 76 -1.06 -0.18 -20.46
CA LEU A 76 -1.70 0.35 -21.66
C LEU A 76 -2.11 1.80 -21.43
N CYS A 77 -1.60 2.71 -22.27
CA CYS A 77 -1.89 4.13 -22.20
C CYS A 77 -2.49 4.67 -23.48
N ALA A 78 -3.07 3.81 -24.31
CA ALA A 78 -3.69 4.20 -25.57
C ALA A 78 -5.16 4.52 -25.33
N PRO A 79 -5.87 5.01 -26.35
CA PRO A 79 -7.31 5.28 -26.18
C PRO A 79 -8.06 4.02 -25.79
N PRO A 80 -9.21 4.17 -25.10
CA PRO A 80 -9.93 2.99 -24.63
C PRO A 80 -10.52 2.13 -25.74
N GLN A 81 -10.67 2.67 -26.96
CA GLN A 81 -11.26 1.90 -28.05
C GLN A 81 -10.37 0.75 -28.51
N VAL A 82 -9.05 0.85 -28.29
CA VAL A 82 -8.13 -0.24 -28.64
C VAL A 82 -7.69 -1.00 -27.41
N ARG A 83 -8.25 -0.71 -26.24
CA ARG A 83 -7.79 -1.32 -24.99
C ARG A 83 -8.03 -2.82 -24.98
N TYR A 84 -9.19 -3.28 -25.45
CA TYR A 84 -9.51 -4.70 -25.39
C TYR A 84 -8.56 -5.51 -26.27
N ALA A 85 -8.36 -5.09 -27.52
CA ALA A 85 -7.48 -5.83 -28.42
C ALA A 85 -6.08 -5.93 -27.86
N GLN A 86 -5.54 -4.82 -27.33
CA GLN A 86 -4.18 -4.84 -26.80
C GLN A 86 -4.09 -5.67 -25.53
N ALA A 87 -5.06 -5.53 -24.62
CA ALA A 87 -5.01 -6.28 -23.37
C ALA A 87 -5.17 -7.78 -23.60
N ARG A 88 -6.06 -8.16 -24.52
CA ARG A 88 -6.22 -9.58 -24.84
C ARG A 88 -4.91 -10.16 -25.40
N ALA A 89 -4.30 -9.45 -26.33
CA ALA A 89 -3.03 -9.91 -26.90
C ALA A 89 -1.96 -10.04 -25.81
N ALA A 90 -1.86 -9.05 -24.93
CA ALA A 90 -0.87 -9.10 -23.86
C ALA A 90 -1.13 -10.25 -22.90
N LEU A 91 -2.41 -10.48 -22.55
CA LEU A 91 -2.74 -11.58 -21.67
C LEU A 91 -2.48 -12.92 -22.34
N GLU A 92 -2.80 -13.03 -23.63
CA GLU A 92 -2.57 -14.28 -24.34
C GLU A 92 -1.09 -14.59 -24.47
N ALA A 93 -0.24 -13.56 -24.46
CA ALA A 93 1.21 -13.76 -24.46
C ALA A 93 1.77 -14.03 -23.07
N GLY A 94 0.92 -14.08 -22.04
CA GLY A 94 1.38 -14.37 -20.70
C GLY A 94 1.87 -13.20 -19.90
N LYS A 95 1.45 -11.98 -20.22
CA LYS A 95 1.88 -10.78 -19.51
C LYS A 95 0.77 -10.29 -18.58
N HIS A 96 1.17 -9.83 -17.39
CA HIS A 96 0.27 -9.05 -16.55
C HIS A 96 -0.03 -7.72 -17.25
N VAL A 97 -1.24 -7.21 -17.01
CA VAL A 97 -1.74 -6.06 -17.77
C VAL A 97 -2.27 -5.00 -16.82
N MET A 98 -1.82 -3.77 -17.00
CA MET A 98 -2.34 -2.61 -16.31
C MET A 98 -3.12 -1.77 -17.32
N LEU A 99 -4.32 -1.34 -16.94
CA LEU A 99 -5.22 -0.62 -17.84
C LEU A 99 -5.42 0.81 -17.38
N GLU A 100 -5.24 1.77 -18.29
CA GLU A 100 -5.69 3.12 -18.00
C GLU A 100 -7.22 3.14 -17.87
N LYS A 101 -7.72 4.26 -17.32
CA LYS A 101 -9.17 4.35 -17.29
C LYS A 101 -9.68 5.02 -18.56
N PRO A 102 -10.89 4.66 -19.04
CA PRO A 102 -11.71 3.56 -18.53
C PRO A 102 -11.10 2.23 -18.96
N PRO A 103 -11.37 1.16 -18.20
CA PRO A 103 -10.75 -0.14 -18.52
C PRO A 103 -11.20 -0.71 -19.85
N GLY A 104 -12.23 -0.15 -20.48
CA GLY A 104 -12.67 -0.62 -21.78
C GLY A 104 -13.71 0.31 -22.34
N ALA A 105 -14.04 0.07 -23.62
CA ALA A 105 -15.14 0.79 -24.26
C ALA A 105 -16.49 0.17 -23.93
N THR A 106 -16.51 -1.05 -23.43
CA THR A 106 -17.73 -1.76 -23.05
C THR A 106 -17.47 -2.50 -21.74
N LEU A 107 -18.56 -2.91 -21.09
CA LEU A 107 -18.45 -3.74 -19.90
C LEU A 107 -18.14 -5.19 -20.25
N GLY A 108 -18.68 -5.67 -21.37
CA GLY A 108 -18.46 -7.06 -21.74
C GLY A 108 -17.00 -7.38 -21.98
N GLU A 109 -16.27 -6.44 -22.59
CA GLU A 109 -14.86 -6.71 -22.88
C GLU A 109 -14.04 -6.77 -21.60
N VAL A 110 -14.39 -5.97 -20.58
CA VAL A 110 -13.64 -6.01 -19.33
C VAL A 110 -13.93 -7.30 -18.57
N ALA A 111 -15.18 -7.77 -18.62
CA ALA A 111 -15.50 -9.06 -18.03
C ALA A 111 -14.72 -10.18 -18.71
N VAL A 112 -14.60 -10.12 -20.03
CA VAL A 112 -13.87 -11.16 -20.75
C VAL A 112 -12.38 -11.10 -20.40
N LEU A 113 -11.82 -9.90 -20.32
CA LEU A 113 -10.41 -9.77 -19.95
C LEU A 113 -10.15 -10.30 -18.54
N GLU A 114 -11.03 -9.97 -17.59
CA GLU A 114 -10.85 -10.44 -16.22
C GLU A 114 -10.89 -11.96 -16.16
N ALA A 115 -11.88 -12.56 -16.83
CA ALA A 115 -11.95 -14.02 -16.87
C ALA A 115 -10.72 -14.61 -17.53
N LEU A 116 -10.22 -13.97 -18.59
CA LEU A 116 -9.02 -14.47 -19.28
C LEU A 116 -7.79 -14.35 -18.38
N ALA A 117 -7.60 -13.19 -17.74
CA ALA A 117 -6.47 -13.03 -16.84
C ALA A 117 -6.52 -14.05 -15.71
N ARG A 118 -7.70 -14.22 -15.11
CA ARG A 118 -7.87 -15.28 -14.12
C ARG A 118 -7.69 -16.65 -14.75
N GLU A 119 -8.11 -16.82 -16.01
CA GLU A 119 -7.90 -18.05 -16.76
C GLU A 119 -6.44 -18.23 -17.21
N ARG A 120 -5.58 -17.25 -16.94
CA ARG A 120 -4.16 -17.44 -17.18
C ARG A 120 -3.30 -17.25 -15.93
N GLY A 121 -3.93 -17.02 -14.78
CA GLY A 121 -3.18 -16.76 -13.56
C GLY A 121 -2.40 -15.47 -13.59
N LEU A 122 -2.84 -14.50 -14.39
CA LEU A 122 -2.13 -13.24 -14.56
C LEU A 122 -2.87 -12.12 -13.82
N THR A 123 -2.12 -11.07 -13.52
CA THR A 123 -2.68 -9.90 -12.85
C THR A 123 -3.27 -8.97 -13.90
N LEU A 124 -4.54 -8.64 -13.73
CA LEU A 124 -5.19 -7.58 -14.49
C LEU A 124 -5.54 -6.46 -13.50
N PHE A 125 -5.19 -5.23 -13.86
CA PHE A 125 -5.39 -4.08 -12.98
C PHE A 125 -6.10 -2.99 -13.76
N ALA A 126 -7.37 -2.78 -13.44
CA ALA A 126 -8.13 -1.64 -13.98
C ALA A 126 -7.86 -0.45 -13.07
N THR A 127 -7.10 0.52 -13.56
CA THR A 127 -6.68 1.64 -12.74
C THR A 127 -7.69 2.77 -12.77
N TRP A 128 -7.77 3.47 -11.64
CA TRP A 128 -8.55 4.70 -11.48
C TRP A 128 -7.63 5.67 -10.75
N HIS A 129 -6.87 6.46 -11.51
CA HIS A 129 -5.80 7.26 -10.90
C HIS A 129 -6.34 8.24 -9.86
N SER A 130 -7.57 8.73 -10.04
CA SER A 130 -8.13 9.67 -9.08
C SER A 130 -8.45 9.02 -7.73
N ARG A 131 -8.61 7.70 -7.70
CA ARG A 131 -8.81 7.00 -6.44
C ARG A 131 -7.58 7.06 -5.54
N CYS A 132 -6.40 7.34 -6.11
CA CYS A 132 -5.17 7.45 -5.35
C CYS A 132 -4.85 8.88 -4.96
N ALA A 133 -5.74 9.83 -5.26
CA ALA A 133 -5.60 11.17 -4.71
C ALA A 133 -5.58 11.12 -3.19
N SER A 134 -4.86 12.08 -2.60
CA SER A 134 -4.55 11.99 -1.18
C SER A 134 -5.79 12.13 -0.29
N ALA A 135 -6.81 12.84 -0.76
CA ALA A 135 -8.02 13.04 0.05
C ALA A 135 -8.94 11.83 0.08
N VAL A 136 -8.69 10.83 -0.77
CA VAL A 136 -9.68 9.78 -1.00
C VAL A 136 -9.85 8.89 0.24
N GLU A 137 -8.76 8.27 0.69
CA GLU A 137 -8.87 7.36 1.82
C GLU A 137 -9.22 8.10 3.11
N PRO A 138 -8.65 9.28 3.39
CA PRO A 138 -9.14 10.06 4.54
C PRO A 138 -10.63 10.35 4.48
N ALA A 139 -11.16 10.67 3.29
CA ALA A 139 -12.60 10.89 3.17
C ALA A 139 -13.39 9.61 3.40
N ARG A 140 -12.91 8.49 2.85
CA ARG A 140 -13.60 7.23 3.02
C ARG A 140 -13.66 6.83 4.50
N GLU A 141 -12.56 7.03 5.23
CA GLU A 141 -12.53 6.67 6.64
C GLU A 141 -13.46 7.55 7.46
N TRP A 142 -13.48 8.86 7.20
CA TRP A 142 -14.36 9.76 7.93
C TRP A 142 -15.83 9.48 7.64
N LEU A 143 -16.15 9.03 6.43
CA LEU A 143 -17.52 8.85 6.00
C LEU A 143 -18.10 7.49 6.38
N ALA A 144 -17.25 6.50 6.67
CA ALA A 144 -17.75 5.16 6.97
C ALA A 144 -18.58 5.13 8.25
N THR A 145 -18.42 6.13 9.12
CA THR A 145 -19.06 6.11 10.43
C THR A 145 -20.30 6.98 10.51
N ARG A 146 -20.54 7.86 9.53
CA ARG A 146 -21.44 8.98 9.71
C ARG A 146 -22.68 8.83 8.84
N ALA A 147 -23.65 9.71 9.11
CA ALA A 147 -24.95 9.69 8.45
C ALA A 147 -24.92 10.67 7.28
N ILE A 148 -24.82 10.14 6.07
CA ILE A 148 -24.74 10.97 4.88
C ILE A 148 -26.14 11.41 4.47
N ARG A 149 -26.28 12.69 4.12
CA ARG A 149 -27.55 13.24 3.68
C ARG A 149 -27.63 13.44 2.17
N ALA A 150 -26.59 14.03 1.58
CA ALA A 150 -26.60 14.31 0.15
C ALA A 150 -25.16 14.44 -0.33
N VAL A 151 -24.98 14.23 -1.64
CA VAL A 151 -23.67 14.30 -2.29
C VAL A 151 -23.81 15.15 -3.55
N GLN A 152 -22.89 16.10 -3.72
CA GLN A 152 -22.88 16.98 -4.88
C GLN A 152 -21.53 16.86 -5.59
N VAL A 153 -21.57 16.61 -6.89
CA VAL A 153 -20.34 16.46 -7.69
C VAL A 153 -20.33 17.53 -8.77
N ARG A 154 -19.21 18.26 -8.86
CA ARG A 154 -18.97 19.21 -9.94
C ARG A 154 -17.61 18.90 -10.54
N TRP A 155 -17.60 18.49 -11.81
CA TRP A 155 -16.38 18.05 -12.49
C TRP A 155 -16.36 18.72 -13.87
N LYS A 156 -15.67 19.86 -13.95
CA LYS A 156 -15.73 20.72 -15.12
C LYS A 156 -14.34 21.25 -15.45
N ALA A 157 -13.93 21.12 -16.70
CA ALA A 157 -12.62 21.55 -17.16
C ALA A 157 -12.68 21.83 -18.65
N ASP A 158 -11.69 22.59 -19.13
CA ASP A 158 -11.58 22.90 -20.55
C ASP A 158 -11.00 21.70 -21.28
N VAL A 159 -11.82 21.07 -22.13
CA VAL A 159 -11.36 19.88 -22.85
C VAL A 159 -10.13 20.19 -23.69
N ARG A 160 -10.07 21.38 -24.28
CA ARG A 160 -8.95 21.72 -25.16
C ARG A 160 -7.63 21.77 -24.41
N ARG A 161 -7.65 21.95 -23.09
CA ARG A 161 -6.43 21.98 -22.29
C ARG A 161 -5.99 20.59 -21.83
N TRP A 162 -6.94 19.65 -21.71
CA TRP A 162 -6.62 18.32 -21.23
C TRP A 162 -6.53 17.27 -22.34
N HIS A 163 -7.14 17.53 -23.49
CA HIS A 163 -7.04 16.64 -24.65
C HIS A 163 -6.82 17.46 -25.91
N PRO A 164 -5.71 18.21 -25.98
CA PRO A 164 -5.50 19.08 -27.14
C PRO A 164 -5.28 18.27 -28.40
N GLY A 165 -6.00 18.63 -29.46
CA GLY A 165 -5.91 17.94 -30.73
C GLY A 165 -6.46 16.53 -30.76
N GLN A 166 -7.00 16.03 -29.65
CA GLN A 166 -7.44 14.64 -29.58
C GLN A 166 -8.82 14.48 -30.21
N GLN A 167 -8.98 13.39 -30.96
CA GLN A 167 -10.24 13.10 -31.64
C GLN A 167 -10.97 11.88 -31.08
N TRP A 168 -10.26 10.92 -30.49
CA TRP A 168 -10.89 9.71 -30.00
C TRP A 168 -11.91 9.99 -28.90
N ILE A 169 -11.77 11.12 -28.19
CA ILE A 169 -12.73 11.48 -27.14
C ILE A 169 -14.11 11.76 -27.71
N TRP A 170 -14.19 12.10 -29.00
CA TRP A 170 -15.45 12.45 -29.65
C TRP A 170 -16.05 11.28 -30.42
N GLU A 171 -15.38 10.13 -30.45
CA GLU A 171 -15.83 8.98 -31.21
C GLU A 171 -16.48 7.97 -30.29
N PRO A 172 -17.31 7.07 -30.84
CA PRO A 172 -17.94 6.04 -30.01
C PRO A 172 -16.90 5.26 -29.21
N GLY A 173 -17.23 5.01 -27.94
CA GLY A 173 -16.29 4.42 -27.01
C GLY A 173 -15.33 5.41 -26.37
N GLY A 174 -15.38 6.68 -26.76
CA GLY A 174 -14.51 7.70 -26.19
C GLY A 174 -15.05 8.41 -24.97
N LEU A 175 -16.32 8.18 -24.64
CA LEU A 175 -16.98 8.66 -23.41
C LEU A 175 -17.25 10.17 -23.41
N GLY A 176 -16.44 10.95 -24.13
CA GLY A 176 -16.62 12.40 -24.07
C GLY A 176 -16.34 12.92 -22.68
N VAL A 177 -17.22 13.78 -22.19
CA VAL A 177 -17.03 14.41 -20.88
C VAL A 177 -17.00 13.39 -19.75
N PHE A 178 -17.45 12.16 -20.01
CA PHE A 178 -17.35 11.11 -19.01
C PHE A 178 -15.93 10.55 -18.88
N ASP A 179 -15.05 10.83 -19.83
CA ASP A 179 -13.66 10.44 -19.66
C ASP A 179 -13.05 11.04 -18.39
N PRO A 180 -13.19 12.35 -18.10
CA PRO A 180 -12.79 12.84 -16.78
C PRO A 180 -13.89 12.66 -15.74
N GLY A 181 -15.14 12.74 -16.18
CA GLY A 181 -16.25 12.58 -15.26
C GLY A 181 -16.23 11.25 -14.53
N ILE A 182 -15.74 10.20 -15.18
CA ILE A 182 -15.66 8.90 -14.53
C ILE A 182 -14.60 8.88 -13.43
N ASN A 183 -13.67 9.83 -13.44
CA ASN A 183 -12.77 9.98 -12.29
C ASN A 183 -13.54 10.37 -11.04
N ALA A 184 -14.48 11.30 -11.17
CA ALA A 184 -15.32 11.69 -10.04
C ALA A 184 -16.13 10.51 -9.53
N LEU A 185 -16.68 9.69 -10.44
CA LEU A 185 -17.43 8.52 -10.03
C LEU A 185 -16.52 7.47 -9.38
N SER A 186 -15.26 7.38 -9.83
CA SER A 186 -14.33 6.46 -9.17
C SER A 186 -14.05 6.89 -7.74
N ILE A 187 -13.98 8.20 -7.48
CA ILE A 187 -13.81 8.66 -6.10
C ILE A 187 -15.07 8.41 -5.29
N VAL A 188 -16.22 8.80 -5.83
CA VAL A 188 -17.48 8.68 -5.10
C VAL A 188 -17.76 7.23 -4.74
N THR A 189 -17.58 6.31 -5.69
CA THR A 189 -17.81 4.90 -5.40
C THR A 189 -16.81 4.33 -4.41
N ARG A 190 -15.67 4.99 -4.22
CA ARG A 190 -14.70 4.57 -3.21
C ARG A 190 -14.99 5.13 -1.83
N ILE A 191 -15.39 6.40 -1.73
CA ILE A 191 -15.59 7.02 -0.43
C ILE A 191 -16.98 6.77 0.16
N LEU A 192 -17.97 6.44 -0.66
CA LEU A 192 -19.30 6.15 -0.12
C LEU A 192 -19.37 4.69 0.33
N PRO A 193 -20.00 4.42 1.48
CA PRO A 193 -20.08 3.02 1.95
C PRO A 193 -21.01 2.15 1.12
N ARG A 194 -22.03 2.72 0.48
CA ARG A 194 -23.07 1.94 -0.15
C ARG A 194 -23.09 2.14 -1.66
N GLU A 195 -23.61 1.14 -2.37
CA GLU A 195 -23.63 1.15 -3.83
C GLU A 195 -24.55 2.25 -4.36
N LEU A 196 -24.25 2.73 -5.56
CA LEU A 196 -25.04 3.73 -6.25
C LEU A 196 -25.91 3.07 -7.31
N VAL A 197 -27.08 3.67 -7.57
CA VAL A 197 -27.92 3.29 -8.70
C VAL A 197 -28.40 4.56 -9.39
N LEU A 198 -28.38 4.57 -10.72
CA LEU A 198 -28.75 5.74 -11.49
C LEU A 198 -30.26 5.87 -11.54
N ARG A 199 -30.77 7.09 -11.33
CA ARG A 199 -32.19 7.38 -11.42
C ARG A 199 -32.57 8.20 -12.63
N GLU A 200 -31.71 9.10 -13.08
CA GLU A 200 -31.94 9.82 -14.33
C GLU A 200 -30.59 10.40 -14.78
N ALA A 201 -30.55 10.75 -16.07
CA ALA A 201 -29.34 11.33 -16.64
C ALA A 201 -29.72 12.14 -17.87
N THR A 202 -28.95 13.18 -18.14
CA THR A 202 -29.11 14.00 -19.34
C THR A 202 -27.73 14.17 -19.96
N LEU A 203 -27.61 13.79 -21.23
CA LEU A 203 -26.35 13.90 -21.97
C LEU A 203 -26.50 15.00 -23.01
N ILE A 204 -25.54 15.91 -23.05
CA ILE A 204 -25.56 17.07 -23.93
C ILE A 204 -24.49 16.86 -24.98
N VAL A 205 -24.91 16.58 -26.21
CA VAL A 205 -24.03 16.08 -27.27
C VAL A 205 -23.94 17.15 -28.37
N PRO A 206 -22.76 17.70 -28.63
CA PRO A 206 -22.62 18.66 -29.74
C PRO A 206 -22.97 18.03 -31.08
N SER A 207 -23.44 18.89 -32.00
CA SER A 207 -23.94 18.45 -33.30
C SER A 207 -22.89 17.72 -34.14
N ASP A 208 -21.61 17.89 -33.83
CA ASP A 208 -20.54 17.38 -34.68
C ASP A 208 -19.76 16.23 -34.07
N VAL A 209 -20.21 15.70 -32.92
CA VAL A 209 -19.52 14.62 -32.24
C VAL A 209 -20.52 13.54 -31.86
N GLN A 210 -20.01 12.43 -31.34
CA GLN A 210 -20.81 11.28 -30.96
C GLN A 210 -20.92 11.10 -29.45
N THR A 211 -20.08 11.77 -28.67
CA THR A 211 -20.07 11.65 -27.23
C THR A 211 -20.49 12.95 -26.57
N PRO A 212 -20.92 12.92 -25.31
CA PRO A 212 -21.38 14.15 -24.66
C PRO A 212 -20.23 15.08 -24.30
N ILE A 213 -20.49 16.38 -24.44
CA ILE A 213 -19.59 17.40 -23.91
C ILE A 213 -19.97 17.80 -22.48
N ALA A 214 -21.19 17.50 -22.05
CA ALA A 214 -21.65 17.81 -20.71
C ALA A 214 -22.75 16.83 -20.35
N ALA A 215 -22.90 16.58 -19.05
CA ALA A 215 -23.89 15.62 -18.58
C ALA A 215 -24.30 15.97 -17.16
N GLU A 216 -25.51 15.55 -16.80
CA GLU A 216 -26.01 15.63 -15.44
C GLU A 216 -26.49 14.24 -15.02
N LEU A 217 -26.13 13.85 -13.80
CA LEU A 217 -26.52 12.55 -13.26
C LEU A 217 -27.26 12.74 -11.94
N ASP A 218 -28.36 12.02 -11.79
CA ASP A 218 -29.09 11.94 -10.53
C ASP A 218 -29.09 10.48 -10.12
N CYS A 219 -28.32 10.15 -9.10
CA CYS A 219 -28.24 8.80 -8.56
C CYS A 219 -28.63 8.82 -7.09
N ALA A 220 -28.79 7.63 -6.53
CA ALA A 220 -29.05 7.45 -5.11
C ALA A 220 -28.29 6.22 -4.66
N ASP A 221 -27.78 6.25 -3.42
CA ASP A 221 -27.21 5.02 -2.88
C ASP A 221 -28.35 4.15 -2.34
N THR A 222 -28.00 2.98 -1.80
CA THR A 222 -29.03 2.02 -1.42
C THR A 222 -29.81 2.44 -0.18
N ASP A 223 -29.41 3.52 0.49
CA ASP A 223 -30.20 4.09 1.57
C ASP A 223 -31.06 5.27 1.11
N GLY A 224 -31.00 5.62 -0.18
CA GLY A 224 -31.76 6.75 -0.69
C GLY A 224 -31.03 8.07 -0.66
N VAL A 225 -29.74 8.08 -0.38
CA VAL A 225 -28.95 9.32 -0.35
C VAL A 225 -28.81 9.85 -1.79
N PRO A 226 -29.30 11.05 -2.07
CA PRO A 226 -29.18 11.58 -3.43
C PRO A 226 -27.73 11.93 -3.77
N VAL A 227 -27.30 11.54 -4.96
CA VAL A 227 -25.98 11.87 -5.48
C VAL A 227 -26.18 12.58 -6.80
N ARG A 228 -25.93 13.90 -6.81
CA ARG A 228 -26.10 14.73 -7.99
C ARG A 228 -24.75 15.08 -8.57
N ALA A 229 -24.60 14.98 -9.88
CA ALA A 229 -23.34 15.24 -10.56
C ALA A 229 -23.56 16.08 -11.80
N GLU A 230 -22.69 17.08 -11.98
CA GLU A 230 -22.66 17.90 -13.19
C GLU A 230 -21.28 17.78 -13.82
N PHE A 231 -21.23 17.30 -15.06
CA PHE A 231 -20.00 17.21 -15.84
C PHE A 231 -20.08 18.19 -16.99
N ASP A 232 -18.98 18.89 -17.26
CA ASP A 232 -18.96 19.84 -18.37
C ASP A 232 -17.53 19.99 -18.88
N TRP A 233 -17.39 19.92 -20.20
CA TRP A 233 -16.12 20.17 -20.86
C TRP A 233 -16.05 21.56 -21.48
N ARG A 234 -17.09 22.37 -21.29
CA ARG A 234 -17.10 23.78 -21.69
C ARG A 234 -16.80 24.60 -20.44
N HIS A 235 -15.57 25.07 -20.31
CA HIS A 235 -15.12 25.65 -19.06
C HIS A 235 -13.92 26.56 -19.31
N GLY A 236 -13.66 27.43 -18.33
CA GLY A 236 -12.51 28.29 -18.36
C GLY A 236 -11.23 27.54 -17.99
N PRO A 237 -10.15 28.28 -17.77
CA PRO A 237 -8.84 27.65 -17.61
C PRO A 237 -8.55 27.09 -16.22
N VAL A 238 -9.44 27.26 -15.24
CA VAL A 238 -9.23 26.69 -13.90
C VAL A 238 -10.31 25.63 -13.67
N GLU A 239 -9.87 24.40 -13.39
CA GLU A 239 -10.79 23.29 -13.21
C GLU A 239 -11.66 23.48 -11.97
N GLN A 240 -12.87 22.94 -12.03
CA GLN A 240 -13.70 22.71 -10.85
C GLN A 240 -13.91 21.21 -10.74
N TRP A 241 -13.11 20.57 -9.89
CA TRP A 241 -13.16 19.13 -9.68
C TRP A 241 -13.47 18.92 -8.21
N GLU A 242 -14.77 18.91 -7.87
CA GLU A 242 -15.22 18.99 -6.50
C GLU A 242 -16.25 17.92 -6.20
N ILE A 243 -16.18 17.38 -4.98
CA ILE A 243 -17.16 16.45 -4.45
C ILE A 243 -17.48 16.89 -3.03
N ALA A 244 -18.75 17.20 -2.77
CA ALA A 244 -19.20 17.63 -1.45
C ALA A 244 -20.17 16.61 -0.91
N VAL A 245 -19.86 16.06 0.26
CA VAL A 245 -20.72 15.11 0.96
C VAL A 245 -21.26 15.80 2.20
N ASP A 246 -22.56 16.05 2.23
CA ASP A 246 -23.21 16.66 3.38
C ASP A 246 -23.65 15.56 4.35
N THR A 247 -23.19 15.65 5.59
CA THR A 247 -23.50 14.67 6.62
C THR A 247 -24.14 15.37 7.81
N ALA A 248 -24.55 14.57 8.80
CA ALA A 248 -25.05 15.15 10.04
C ALA A 248 -23.95 15.85 10.82
N ASP A 249 -22.69 15.52 10.56
CA ASP A 249 -21.56 16.14 11.22
C ASP A 249 -20.96 17.30 10.42
N GLY A 250 -21.66 17.76 9.40
CA GLY A 250 -21.16 18.82 8.54
C GLY A 250 -20.72 18.28 7.18
N VAL A 251 -20.13 19.17 6.39
CA VAL A 251 -19.84 18.92 4.98
C VAL A 251 -18.39 18.46 4.85
N LEU A 252 -18.19 17.36 4.11
CA LEU A 252 -16.88 16.96 3.65
C LEU A 252 -16.71 17.43 2.22
N ALA A 253 -15.70 18.26 1.96
CA ALA A 253 -15.51 18.90 0.68
C ALA A 253 -14.17 18.49 0.09
N ILE A 254 -14.21 17.71 -0.99
CA ILE A 254 -13.03 17.38 -1.78
C ILE A 254 -12.96 18.35 -2.94
N SER A 255 -11.78 18.91 -3.18
CA SER A 255 -11.59 19.84 -4.28
C SER A 255 -10.26 19.54 -4.96
N ARG A 256 -10.03 20.23 -6.08
CA ARG A 256 -8.83 20.07 -6.89
C ARG A 256 -8.56 18.60 -7.21
N GLY A 257 -9.63 17.91 -7.63
CA GLY A 257 -9.54 16.54 -8.07
C GLY A 257 -9.13 15.53 -7.03
N GLY A 258 -9.16 15.89 -5.75
CA GLY A 258 -8.68 15.02 -4.69
C GLY A 258 -7.42 15.48 -4.01
N ALA A 259 -6.83 16.58 -4.47
CA ALA A 259 -5.62 17.12 -3.85
C ALA A 259 -5.91 17.97 -2.61
N GLN A 260 -7.17 18.31 -2.36
CA GLN A 260 -7.54 19.20 -1.27
C GLN A 260 -8.78 18.68 -0.57
N LEU A 261 -8.77 18.70 0.77
CA LEU A 261 -9.86 18.16 1.56
C LEU A 261 -10.17 19.09 2.72
N SER A 262 -11.46 19.35 2.93
CA SER A 262 -11.94 20.11 4.09
C SER A 262 -13.09 19.34 4.72
N ILE A 263 -13.13 19.32 6.05
CA ILE A 263 -14.12 18.56 6.81
C ILE A 263 -14.72 19.49 7.84
N ALA A 264 -16.03 19.74 7.73
CA ALA A 264 -16.74 20.69 8.59
C ALA A 264 -16.10 22.07 8.53
N GLY A 265 -15.62 22.47 7.36
CA GLY A 265 -15.01 23.76 7.16
C GLY A 265 -13.55 23.86 7.56
N GLU A 266 -13.01 22.86 8.26
CA GLU A 266 -11.61 22.88 8.65
C GLU A 266 -10.76 22.17 7.61
N PRO A 267 -9.73 22.81 7.06
CA PRO A 267 -8.83 22.11 6.13
C PRO A 267 -8.19 20.89 6.79
N VAL A 268 -7.92 19.87 5.99
CA VAL A 268 -7.27 18.65 6.44
C VAL A 268 -5.92 18.54 5.76
N GLU A 269 -4.88 18.26 6.53
CA GLU A 269 -3.54 18.11 5.99
C GLU A 269 -3.46 16.82 5.17
N LEU A 270 -2.90 16.92 3.96
CA LEU A 270 -2.77 15.79 3.06
C LEU A 270 -1.33 15.71 2.56
N GLY A 271 -0.88 14.47 2.32
CA GLY A 271 0.39 14.25 1.69
C GLY A 271 0.36 14.71 0.25
N PRO A 272 1.54 14.80 -0.38
CA PRO A 272 1.60 15.29 -1.76
C PRO A 272 0.90 14.33 -2.72
N GLU A 273 0.46 14.89 -3.84
CA GLU A 273 -0.18 14.10 -4.89
C GLU A 273 0.83 13.14 -5.51
N ARG A 274 0.49 11.86 -5.54
CA ARG A 274 1.33 10.85 -6.17
C ARG A 274 0.45 9.73 -6.73
N GLU A 275 -0.55 10.11 -7.54
CA GLU A 275 -1.53 9.14 -8.02
C GLU A 275 -0.88 8.03 -8.82
N TYR A 276 -0.05 8.37 -9.80
CA TYR A 276 0.51 7.36 -10.68
C TYR A 276 1.65 6.59 -10.03
N PRO A 277 2.50 7.21 -9.21
CA PRO A 277 3.36 6.39 -8.34
C PRO A 277 2.58 5.38 -7.52
N ALA A 278 1.44 5.79 -6.94
CA ALA A 278 0.61 4.86 -6.18
C ALA A 278 0.07 3.74 -7.06
N LEU A 279 -0.38 4.08 -8.28
CA LEU A 279 -0.89 3.06 -9.19
C LEU A 279 0.17 2.01 -9.50
N TYR A 280 1.39 2.45 -9.82
CA TYR A 280 2.42 1.50 -10.20
C TYR A 280 2.93 0.70 -9.00
N ALA A 281 2.98 1.32 -7.82
CA ALA A 281 3.27 0.54 -6.62
C ALA A 281 2.23 -0.55 -6.41
N HIS A 282 0.96 -0.22 -6.64
CA HIS A 282 -0.10 -1.21 -6.50
C HIS A 282 -0.01 -2.30 -7.57
N PHE A 283 0.30 -1.92 -8.81
CA PHE A 283 0.46 -2.91 -9.88
C PHE A 283 1.53 -3.93 -9.51
N HIS A 284 2.69 -3.46 -9.03
CA HIS A 284 3.77 -4.36 -8.64
C HIS A 284 3.34 -5.26 -7.50
N ALA A 285 2.71 -4.69 -6.47
CA ALA A 285 2.26 -5.48 -5.33
C ALA A 285 1.23 -6.53 -5.76
N LEU A 286 0.32 -6.15 -6.65
CA LEU A 286 -0.65 -7.12 -7.15
C LEU A 286 0.03 -8.28 -7.84
N ILE A 287 1.06 -8.00 -8.65
CA ILE A 287 1.79 -9.07 -9.34
C ILE A 287 2.48 -9.98 -8.33
N ALA A 288 3.14 -9.39 -7.34
CA ALA A 288 3.84 -10.19 -6.34
C ALA A 288 2.86 -11.01 -5.49
N ARG A 289 1.65 -10.48 -5.29
CA ARG A 289 0.61 -11.22 -4.58
C ARG A 289 -0.04 -12.29 -5.43
N GLY A 290 0.05 -12.18 -6.76
CA GLY A 290 -0.71 -13.05 -7.63
C GLY A 290 -2.19 -12.75 -7.56
N GLU A 291 -2.55 -11.47 -7.59
CA GLU A 291 -3.93 -11.03 -7.49
C GLU A 291 -4.23 -10.01 -8.57
N SER A 292 -5.52 -9.79 -8.81
CA SER A 292 -6.01 -8.82 -9.77
C SER A 292 -6.84 -7.76 -9.05
N ASP A 293 -7.10 -6.65 -9.75
CA ASP A 293 -7.89 -5.55 -9.19
C ASP A 293 -8.68 -4.95 -10.34
N VAL A 294 -9.94 -5.39 -10.50
CA VAL A 294 -10.79 -5.00 -11.62
C VAL A 294 -12.12 -4.54 -11.04
N ASP A 295 -12.22 -3.25 -10.72
CA ASP A 295 -13.46 -2.64 -10.25
C ASP A 295 -14.06 -1.85 -11.40
N VAL A 296 -15.16 -2.36 -11.97
CA VAL A 296 -15.80 -1.71 -13.11
C VAL A 296 -17.03 -0.90 -12.71
N ARG A 297 -17.31 -0.79 -11.41
CA ARG A 297 -18.47 -0.02 -10.97
C ARG A 297 -18.53 1.40 -11.51
N PRO A 298 -17.42 2.16 -11.60
CA PRO A 298 -17.54 3.49 -12.24
C PRO A 298 -17.96 3.41 -13.69
N LEU A 299 -17.46 2.44 -14.44
CA LEU A 299 -17.86 2.27 -15.83
C LEU A 299 -19.29 1.75 -15.95
N ARG A 300 -19.72 0.90 -15.02
CA ARG A 300 -21.09 0.39 -15.05
C ARG A 300 -22.09 1.52 -14.84
N LEU A 301 -21.75 2.50 -14.00
CA LEU A 301 -22.63 3.63 -13.79
C LEU A 301 -22.68 4.52 -15.03
N VAL A 302 -21.54 4.71 -15.70
CA VAL A 302 -21.53 5.47 -16.94
C VAL A 302 -22.35 4.75 -18.01
N ALA A 303 -22.23 3.42 -18.08
CA ALA A 303 -23.05 2.67 -19.02
C ALA A 303 -24.53 2.86 -18.74
N ASP A 304 -24.92 2.84 -17.46
CA ASP A 304 -26.31 3.11 -17.12
C ASP A 304 -26.72 4.50 -17.56
N ALA A 305 -25.81 5.47 -17.45
CA ALA A 305 -26.12 6.83 -17.91
C ALA A 305 -26.40 6.86 -19.40
N PHE A 306 -25.62 6.13 -20.20
CA PHE A 306 -25.86 6.08 -21.64
C PHE A 306 -27.12 5.30 -21.96
N LEU A 307 -27.40 4.25 -21.19
CA LEU A 307 -28.56 3.40 -21.46
C LEU A 307 -29.86 4.11 -21.08
N PHE A 308 -29.87 4.80 -19.95
CA PHE A 308 -31.08 5.38 -19.39
C PHE A 308 -31.22 6.87 -19.65
N GLY A 309 -30.15 7.55 -20.05
CA GLY A 309 -30.13 9.00 -20.05
C GLY A 309 -30.73 9.62 -21.30
N ARG A 310 -31.43 10.73 -21.10
CA ARG A 310 -31.89 11.56 -22.20
C ARG A 310 -30.69 12.19 -22.92
N ARG A 311 -30.82 12.36 -24.23
CA ARG A 311 -29.79 13.00 -25.03
C ARG A 311 -30.33 14.28 -25.65
N VAL A 312 -29.60 15.38 -25.46
CA VAL A 312 -29.97 16.69 -25.95
C VAL A 312 -28.85 17.20 -26.85
N GLN A 313 -29.21 17.70 -28.02
CA GLN A 313 -28.21 18.28 -28.92
C GLN A 313 -27.86 19.70 -28.47
N THR A 314 -26.59 20.05 -28.61
CA THR A 314 -26.12 21.43 -28.47
C THR A 314 -25.27 21.77 -29.68
N ASP A 315 -24.75 22.99 -29.72
CA ASP A 315 -24.08 23.47 -30.92
C ASP A 315 -22.70 22.82 -31.07
N ALA A 316 -22.15 22.96 -32.28
CA ALA A 316 -20.94 22.25 -32.66
C ALA A 316 -19.77 22.65 -31.77
N PHE A 317 -18.94 21.65 -31.43
CA PHE A 317 -17.74 21.91 -30.63
C PHE A 317 -16.65 22.57 -31.46
N GLY A 318 -16.45 22.11 -32.70
CA GLY A 318 -15.38 22.60 -33.52
C GLY A 318 -14.13 21.76 -33.39
N ARG A 319 -14.15 20.56 -33.96
CA ARG A 319 -13.05 19.61 -33.83
C ARG A 319 -12.25 19.52 -35.12
N GLN B 14 -44.99 -27.71 -0.14
CA GLN B 14 -44.71 -26.88 -1.29
C GLN B 14 -44.26 -25.48 -0.88
N VAL B 15 -43.90 -24.66 -1.87
CA VAL B 15 -43.41 -23.30 -1.64
C VAL B 15 -44.56 -22.33 -1.80
N SER B 16 -44.80 -21.52 -0.77
CA SER B 16 -45.86 -20.51 -0.83
C SER B 16 -45.42 -19.36 -1.72
N LEU B 17 -46.33 -18.90 -2.60
CA LEU B 17 -45.94 -17.99 -3.67
C LEU B 17 -46.95 -16.85 -3.83
N GLY B 18 -46.41 -15.64 -4.00
CA GLY B 18 -47.23 -14.49 -4.33
C GLY B 18 -46.80 -13.90 -5.68
N VAL B 19 -47.76 -13.29 -6.37
CA VAL B 19 -47.53 -12.70 -7.69
C VAL B 19 -47.92 -11.23 -7.64
N VAL B 20 -47.09 -10.39 -8.25
CA VAL B 20 -47.24 -8.93 -8.17
C VAL B 20 -47.33 -8.37 -9.57
N GLY B 21 -48.42 -7.65 -9.85
CA GLY B 21 -48.62 -7.06 -11.16
C GLY B 21 -49.40 -7.97 -12.08
N ILE B 22 -50.72 -8.03 -11.92
CA ILE B 22 -51.55 -9.03 -12.62
C ILE B 22 -52.03 -8.33 -13.90
N GLY B 23 -51.15 -8.28 -14.89
CA GLY B 23 -51.49 -7.84 -16.22
C GLY B 23 -51.81 -8.99 -17.15
N LYS B 24 -51.77 -8.71 -18.45
CA LYS B 24 -52.16 -9.73 -19.42
C LYS B 24 -51.20 -10.91 -19.43
N ILE B 25 -49.90 -10.65 -19.27
CA ILE B 25 -48.95 -11.76 -19.29
C ILE B 25 -49.05 -12.56 -18.00
N ALA B 26 -49.40 -11.93 -16.89
CA ALA B 26 -49.65 -12.68 -15.67
C ALA B 26 -50.88 -13.57 -15.83
N ARG B 27 -51.92 -13.06 -16.50
CA ARG B 27 -53.13 -13.85 -16.72
C ARG B 27 -52.88 -14.96 -17.72
N ASP B 28 -52.21 -14.65 -18.84
CA ASP B 28 -52.03 -15.64 -19.91
C ASP B 28 -50.99 -16.69 -19.55
N GLN B 29 -49.90 -16.28 -18.92
CA GLN B 29 -48.72 -17.14 -18.81
C GLN B 29 -48.39 -17.51 -17.37
N HIS B 30 -48.27 -16.53 -16.47
CA HIS B 30 -47.77 -16.80 -15.13
C HIS B 30 -48.75 -17.65 -14.33
N LEU B 31 -49.99 -17.18 -14.18
CA LEU B 31 -50.96 -17.90 -13.36
C LEU B 31 -51.27 -19.30 -13.86
N PRO B 32 -51.50 -19.54 -15.17
CA PRO B 32 -51.65 -20.94 -15.61
C PRO B 32 -50.43 -21.80 -15.30
N ALA B 33 -49.22 -21.27 -15.51
CA ALA B 33 -48.01 -22.05 -15.22
C ALA B 33 -47.90 -22.36 -13.74
N ILE B 34 -48.21 -21.38 -12.88
CA ILE B 34 -48.19 -21.63 -11.43
C ILE B 34 -49.24 -22.66 -11.06
N ASP B 35 -50.45 -22.51 -11.60
CA ASP B 35 -51.53 -23.44 -11.30
C ASP B 35 -51.13 -24.89 -11.59
N ALA B 36 -50.32 -25.10 -12.64
CA ALA B 36 -49.91 -26.44 -13.04
C ALA B 36 -48.57 -26.85 -12.45
N GLU B 37 -47.88 -25.97 -11.72
CA GLU B 37 -46.62 -26.34 -11.08
C GLU B 37 -46.91 -26.80 -9.66
N PRO B 38 -46.75 -28.09 -9.35
CA PRO B 38 -47.12 -28.57 -8.02
C PRO B 38 -46.20 -28.09 -6.92
N GLY B 39 -45.00 -27.62 -7.25
CA GLY B 39 -44.07 -27.15 -6.24
C GLY B 39 -44.50 -25.88 -5.55
N PHE B 40 -45.40 -25.12 -6.16
CA PHE B 40 -45.86 -23.85 -5.61
C PHE B 40 -47.34 -23.94 -5.22
N LYS B 41 -47.69 -23.20 -4.19
CA LYS B 41 -49.08 -22.91 -3.85
C LYS B 41 -49.27 -21.40 -3.95
N LEU B 42 -50.10 -20.98 -4.90
CA LEU B 42 -50.43 -19.56 -5.02
C LEU B 42 -51.24 -19.14 -3.80
N THR B 43 -50.69 -18.22 -3.01
CA THR B 43 -51.29 -17.79 -1.76
C THR B 43 -51.87 -16.39 -1.82
N ALA B 44 -51.25 -15.48 -2.57
CA ALA B 44 -51.67 -14.09 -2.58
C ALA B 44 -51.22 -13.44 -3.86
N CYS B 45 -51.92 -12.37 -4.22
CA CYS B 45 -51.52 -11.55 -5.36
C CYS B 45 -51.66 -10.08 -4.99
N ALA B 46 -50.80 -9.26 -5.56
CA ALA B 46 -50.86 -7.81 -5.41
C ALA B 46 -51.04 -7.18 -6.79
N SER B 47 -51.99 -6.27 -6.89
CA SER B 47 -52.25 -5.55 -8.13
C SER B 47 -53.16 -4.37 -7.82
N ARG B 48 -52.87 -3.22 -8.44
CA ARG B 48 -53.64 -2.02 -8.14
C ARG B 48 -55.03 -2.06 -8.76
N HIS B 49 -55.19 -2.72 -9.90
CA HIS B 49 -56.44 -2.68 -10.65
C HIS B 49 -56.98 -4.08 -10.98
N ALA B 50 -56.58 -5.11 -10.24
CA ALA B 50 -57.01 -6.45 -10.58
C ALA B 50 -56.98 -7.34 -9.34
N GLU B 51 -57.96 -8.25 -9.27
CA GLU B 51 -58.03 -9.25 -8.22
C GLU B 51 -58.04 -10.65 -8.85
N VAL B 52 -57.46 -11.60 -8.14
CA VAL B 52 -57.33 -12.98 -8.62
C VAL B 52 -58.21 -13.86 -7.76
N THR B 53 -59.18 -14.52 -8.40
CA THR B 53 -60.10 -15.42 -7.71
C THR B 53 -59.34 -16.52 -6.98
N GLY B 54 -59.82 -16.85 -5.78
CA GLY B 54 -59.35 -18.03 -5.07
C GLY B 54 -58.18 -17.81 -4.13
N VAL B 55 -57.54 -16.64 -4.16
CA VAL B 55 -56.44 -16.33 -3.25
C VAL B 55 -56.70 -14.98 -2.62
N ARG B 56 -55.84 -14.63 -1.65
CA ARG B 56 -55.92 -13.32 -1.03
C ARG B 56 -55.33 -12.27 -1.96
N ASN B 57 -55.90 -11.06 -1.90
CA ASN B 57 -55.54 -10.00 -2.84
C ASN B 57 -55.17 -8.74 -2.08
N TYR B 58 -54.16 -8.04 -2.61
CA TYR B 58 -53.69 -6.79 -2.05
C TYR B 58 -53.48 -5.80 -3.19
N ARG B 59 -53.39 -4.52 -2.84
CA ARG B 59 -53.19 -3.50 -3.87
C ARG B 59 -51.73 -3.11 -4.05
N ASP B 60 -50.84 -3.60 -3.20
CA ASP B 60 -49.41 -3.33 -3.34
C ASP B 60 -48.64 -4.40 -2.59
N LEU B 61 -47.35 -4.51 -2.92
CA LEU B 61 -46.53 -5.57 -2.35
C LEU B 61 -46.26 -5.35 -0.86
N ARG B 62 -46.07 -4.10 -0.44
CA ARG B 62 -45.82 -3.83 0.97
C ARG B 62 -46.96 -4.37 1.84
N ALA B 63 -48.21 -4.12 1.42
CA ALA B 63 -49.34 -4.65 2.17
C ALA B 63 -49.33 -6.18 2.19
N LEU B 64 -49.09 -6.79 1.02
CA LEU B 64 -48.98 -8.24 0.94
C LEU B 64 -47.89 -8.76 1.88
N LEU B 65 -46.71 -8.13 1.84
CA LEU B 65 -45.59 -8.59 2.65
C LEU B 65 -45.90 -8.45 4.13
N ALA B 66 -46.53 -7.34 4.54
CA ALA B 66 -46.84 -7.15 5.95
C ALA B 66 -47.83 -8.19 6.45
N ALA B 67 -48.74 -8.66 5.58
CA ALA B 67 -49.79 -9.57 5.99
C ALA B 67 -49.41 -11.04 5.81
N GLU B 68 -48.69 -11.36 4.71
CA GLU B 68 -48.38 -12.75 4.37
C GLU B 68 -47.03 -13.11 4.96
N ARG B 69 -47.02 -13.34 6.28
CA ARG B 69 -45.76 -13.56 6.98
C ARG B 69 -45.18 -14.95 6.76
N GLU B 70 -46.00 -15.94 6.41
CA GLU B 70 -45.50 -17.27 6.10
C GLU B 70 -45.13 -17.44 4.63
N LEU B 71 -45.32 -16.40 3.81
CA LEU B 71 -45.00 -16.48 2.39
C LEU B 71 -43.52 -16.75 2.18
N ASP B 72 -43.22 -17.61 1.21
CA ASP B 72 -41.84 -18.01 0.92
C ASP B 72 -41.22 -17.25 -0.24
N ALA B 73 -41.99 -16.98 -1.29
CA ALA B 73 -41.41 -16.44 -2.51
C ALA B 73 -42.43 -15.56 -3.21
N VAL B 74 -41.93 -14.70 -4.10
CA VAL B 74 -42.77 -13.81 -4.90
C VAL B 74 -42.24 -13.80 -6.34
N SER B 75 -43.17 -13.70 -7.29
CA SER B 75 -42.84 -13.53 -8.71
C SER B 75 -43.32 -12.15 -9.13
N LEU B 76 -42.41 -11.34 -9.66
CA LEU B 76 -42.69 -9.95 -10.00
C LEU B 76 -42.87 -9.81 -11.50
N CYS B 77 -44.08 -9.39 -11.92
CA CYS B 77 -44.42 -9.28 -13.32
C CYS B 77 -44.64 -7.85 -13.78
N ALA B 78 -44.43 -6.86 -12.91
CA ALA B 78 -44.59 -5.48 -13.28
C ALA B 78 -43.42 -5.02 -14.15
N PRO B 79 -43.56 -3.91 -14.86
CA PRO B 79 -42.46 -3.40 -15.69
C PRO B 79 -41.24 -3.09 -14.83
N PRO B 80 -40.04 -3.04 -15.44
CA PRO B 80 -38.82 -2.86 -14.62
C PRO B 80 -38.73 -1.54 -13.89
N GLN B 81 -39.47 -0.51 -14.31
CA GLN B 81 -39.36 0.79 -13.63
C GLN B 81 -39.93 0.77 -12.23
N VAL B 82 -40.81 -0.17 -11.91
CA VAL B 82 -41.34 -0.34 -10.56
C VAL B 82 -40.85 -1.60 -9.88
N ARG B 83 -40.21 -2.49 -10.63
CA ARG B 83 -39.88 -3.82 -10.12
C ARG B 83 -38.70 -3.78 -9.15
N TYR B 84 -37.77 -2.84 -9.31
CA TYR B 84 -36.59 -2.80 -8.45
C TYR B 84 -36.98 -2.53 -7.00
N ALA B 85 -37.83 -1.53 -6.77
CA ALA B 85 -38.27 -1.24 -5.41
C ALA B 85 -39.08 -2.39 -4.84
N GLN B 86 -39.89 -3.05 -5.68
CA GLN B 86 -40.62 -4.22 -5.22
C GLN B 86 -39.67 -5.37 -4.87
N ALA B 87 -38.65 -5.58 -5.71
CA ALA B 87 -37.71 -6.68 -5.46
C ALA B 87 -36.91 -6.44 -4.19
N ARG B 88 -36.51 -5.19 -3.94
CA ARG B 88 -35.85 -4.85 -2.69
C ARG B 88 -36.71 -5.20 -1.49
N ALA B 89 -37.95 -4.70 -1.47
CA ALA B 89 -38.82 -4.92 -0.33
C ALA B 89 -39.08 -6.40 -0.09
N ALA B 90 -39.16 -7.19 -1.16
CA ALA B 90 -39.41 -8.62 -1.03
C ALA B 90 -38.19 -9.34 -0.47
N LEU B 91 -36.99 -9.00 -0.96
CA LEU B 91 -35.79 -9.61 -0.43
C LEU B 91 -35.55 -9.21 1.02
N GLU B 92 -35.79 -7.94 1.34
CA GLU B 92 -35.64 -7.49 2.72
C GLU B 92 -36.64 -8.17 3.64
N ALA B 93 -37.80 -8.57 3.11
CA ALA B 93 -38.79 -9.33 3.86
C ALA B 93 -38.48 -10.83 3.90
N GLY B 94 -37.33 -11.25 3.38
CA GLY B 94 -36.94 -12.65 3.44
C GLY B 94 -37.62 -13.55 2.44
N LYS B 95 -38.07 -13.02 1.31
CA LYS B 95 -38.72 -13.81 0.28
C LYS B 95 -37.77 -14.06 -0.90
N HIS B 96 -37.82 -15.27 -1.44
CA HIS B 96 -37.22 -15.52 -2.73
C HIS B 96 -37.95 -14.71 -3.80
N VAL B 97 -37.21 -14.27 -4.81
CA VAL B 97 -37.76 -13.35 -5.81
C VAL B 97 -37.48 -13.88 -7.20
N MET B 98 -38.52 -13.90 -8.04
CA MET B 98 -38.40 -14.18 -9.46
C MET B 98 -38.75 -12.90 -10.21
N LEU B 99 -37.94 -12.54 -11.20
CA LEU B 99 -38.08 -11.30 -11.94
C LEU B 99 -38.46 -11.57 -13.38
N GLU B 100 -39.44 -10.83 -13.90
CA GLU B 100 -39.66 -10.80 -15.33
C GLU B 100 -38.47 -10.09 -16.02
N LYS B 101 -38.44 -10.20 -17.34
CA LYS B 101 -37.32 -9.62 -18.07
C LYS B 101 -37.66 -8.21 -18.55
N PRO B 102 -36.65 -7.31 -18.67
CA PRO B 102 -35.27 -7.50 -18.22
C PRO B 102 -35.18 -7.38 -16.70
N PRO B 103 -34.12 -7.90 -16.09
CA PRO B 103 -34.07 -7.90 -14.62
C PRO B 103 -33.98 -6.51 -14.00
N GLY B 104 -33.77 -5.46 -14.78
CA GLY B 104 -33.74 -4.12 -14.23
C GLY B 104 -33.77 -3.08 -15.33
N ALA B 105 -34.01 -1.83 -14.91
CA ALA B 105 -33.91 -0.71 -15.83
C ALA B 105 -32.48 -0.27 -16.04
N THR B 106 -31.61 -0.54 -15.06
CA THR B 106 -30.19 -0.28 -15.15
C THR B 106 -29.44 -1.48 -14.61
N LEU B 107 -28.17 -1.59 -14.97
CA LEU B 107 -27.37 -2.70 -14.44
C LEU B 107 -27.09 -2.52 -12.95
N GLY B 108 -26.95 -1.27 -12.49
CA GLY B 108 -26.74 -1.05 -11.07
C GLY B 108 -27.86 -1.62 -10.22
N GLU B 109 -29.10 -1.44 -10.66
CA GLU B 109 -30.25 -2.02 -9.96
C GLU B 109 -30.06 -3.51 -9.76
N VAL B 110 -29.70 -4.23 -10.83
CA VAL B 110 -29.59 -5.68 -10.76
C VAL B 110 -28.46 -6.09 -9.83
N ALA B 111 -27.33 -5.39 -9.89
CA ALA B 111 -26.22 -5.66 -8.97
C ALA B 111 -26.67 -5.52 -7.52
N VAL B 112 -27.47 -4.50 -7.23
CA VAL B 112 -27.94 -4.29 -5.86
C VAL B 112 -28.79 -5.46 -5.40
N LEU B 113 -29.73 -5.90 -6.25
CA LEU B 113 -30.61 -7.00 -5.87
C LEU B 113 -29.83 -8.28 -5.65
N GLU B 114 -28.89 -8.60 -6.54
CA GLU B 114 -28.11 -9.82 -6.42
C GLU B 114 -27.27 -9.81 -5.14
N ALA B 115 -26.69 -8.66 -4.80
CA ALA B 115 -25.97 -8.55 -3.53
C ALA B 115 -26.91 -8.71 -2.35
N LEU B 116 -28.09 -8.10 -2.42
CA LEU B 116 -29.08 -8.24 -1.36
C LEU B 116 -29.51 -9.69 -1.19
N ALA B 117 -29.83 -10.36 -2.29
CA ALA B 117 -30.26 -11.75 -2.20
C ALA B 117 -29.15 -12.65 -1.68
N ARG B 118 -27.93 -12.46 -2.15
CA ARG B 118 -26.81 -13.30 -1.71
C ARG B 118 -26.54 -13.12 -0.23
N GLU B 119 -26.74 -11.92 0.30
CA GLU B 119 -26.43 -11.65 1.70
C GLU B 119 -27.47 -12.25 2.64
N ARG B 120 -28.73 -12.40 2.19
CA ARG B 120 -29.76 -13.06 2.98
C ARG B 120 -29.92 -14.52 2.61
N GLY B 121 -29.05 -15.06 1.75
CA GLY B 121 -29.17 -16.44 1.33
C GLY B 121 -30.45 -16.76 0.60
N LEU B 122 -30.99 -15.79 -0.14
CA LEU B 122 -32.26 -15.95 -0.83
C LEU B 122 -32.04 -16.20 -2.31
N THR B 123 -33.01 -16.86 -2.93
CA THR B 123 -32.97 -17.13 -4.36
C THR B 123 -33.45 -15.90 -5.12
N LEU B 124 -32.60 -15.39 -6.02
CA LEU B 124 -33.00 -14.38 -7.00
C LEU B 124 -32.90 -14.99 -8.38
N PHE B 125 -34.00 -14.92 -9.14
CA PHE B 125 -34.08 -15.52 -10.47
C PHE B 125 -34.46 -14.43 -11.46
N ALA B 126 -33.50 -14.01 -12.28
CA ALA B 126 -33.76 -13.12 -13.40
C ALA B 126 -34.11 -13.98 -14.61
N THR B 127 -35.38 -13.98 -14.98
CA THR B 127 -35.86 -14.85 -16.04
C THR B 127 -35.66 -14.20 -17.41
N TRP B 128 -35.52 -15.06 -18.43
CA TRP B 128 -35.53 -14.70 -19.84
C TRP B 128 -36.44 -15.73 -20.50
N HIS B 129 -37.73 -15.38 -20.63
CA HIS B 129 -38.71 -16.39 -21.04
C HIS B 129 -38.34 -17.02 -22.39
N SER B 130 -37.70 -16.26 -23.28
CA SER B 130 -37.33 -16.81 -24.58
C SER B 130 -36.23 -17.87 -24.49
N ARG B 131 -35.42 -17.84 -23.43
CA ARG B 131 -34.42 -18.89 -23.23
C ARG B 131 -35.05 -20.25 -23.02
N CYS B 132 -36.33 -20.31 -22.68
CA CYS B 132 -37.02 -21.57 -22.46
C CYS B 132 -37.83 -22.01 -23.67
N ALA B 133 -37.71 -21.29 -24.79
CA ALA B 133 -38.27 -21.76 -26.05
C ALA B 133 -37.70 -23.13 -26.39
N SER B 134 -38.46 -23.87 -27.19
CA SER B 134 -38.18 -25.29 -27.40
C SER B 134 -36.83 -25.52 -28.10
N ALA B 135 -36.42 -24.60 -28.98
CA ALA B 135 -35.21 -24.84 -29.77
C ALA B 135 -33.92 -24.56 -29.00
N VAL B 136 -34.00 -23.85 -27.87
CA VAL B 136 -32.81 -23.25 -27.27
C VAL B 136 -31.87 -24.32 -26.73
N GLU B 137 -32.37 -25.20 -25.88
CA GLU B 137 -31.52 -26.21 -25.27
C GLU B 137 -31.00 -27.23 -26.29
N PRO B 138 -31.83 -27.69 -27.25
CA PRO B 138 -31.25 -28.52 -28.33
C PRO B 138 -30.16 -27.82 -29.10
N ALA B 139 -30.36 -26.53 -29.44
CA ALA B 139 -29.34 -25.80 -30.17
C ALA B 139 -28.05 -25.68 -29.36
N ARG B 140 -28.18 -25.49 -28.04
CA ARG B 140 -27.00 -25.32 -27.20
C ARG B 140 -26.19 -26.61 -27.12
N GLU B 141 -26.88 -27.75 -26.99
CA GLU B 141 -26.18 -29.04 -26.94
C GLU B 141 -25.44 -29.31 -28.24
N TRP B 142 -26.06 -29.01 -29.38
CA TRP B 142 -25.45 -29.30 -30.66
C TRP B 142 -24.24 -28.41 -30.92
N LEU B 143 -24.31 -27.15 -30.49
CA LEU B 143 -23.26 -26.18 -30.75
C LEU B 143 -22.11 -26.25 -29.75
N ALA B 144 -22.29 -26.95 -28.62
CA ALA B 144 -21.31 -26.88 -27.54
C ALA B 144 -19.94 -27.38 -27.98
N THR B 145 -19.89 -28.43 -28.81
CA THR B 145 -18.64 -29.06 -29.19
C THR B 145 -18.11 -28.61 -30.54
N ARG B 146 -18.90 -27.88 -31.33
CA ARG B 146 -18.61 -27.76 -32.75
C ARG B 146 -17.81 -26.49 -33.07
N ALA B 147 -17.23 -26.48 -34.27
CA ALA B 147 -16.44 -25.36 -34.77
C ALA B 147 -17.37 -24.36 -35.42
N ILE B 148 -17.74 -23.32 -34.67
CA ILE B 148 -18.63 -22.27 -35.16
C ILE B 148 -17.83 -21.28 -35.99
N ARG B 149 -18.41 -20.84 -37.10
CA ARG B 149 -17.77 -19.88 -38.00
C ARG B 149 -18.37 -18.48 -37.91
N ALA B 150 -19.69 -18.36 -37.88
CA ALA B 150 -20.33 -17.05 -37.84
C ALA B 150 -21.76 -17.20 -37.36
N VAL B 151 -22.29 -16.11 -36.79
CA VAL B 151 -23.66 -16.05 -36.30
C VAL B 151 -24.32 -14.80 -36.87
N GLN B 152 -25.55 -14.95 -37.35
CA GLN B 152 -26.34 -13.83 -37.85
C GLN B 152 -27.70 -13.85 -37.19
N VAL B 153 -28.10 -12.70 -36.64
CA VAL B 153 -29.41 -12.54 -36.01
C VAL B 153 -30.18 -11.49 -36.79
N ARG B 154 -31.39 -11.83 -37.20
CA ARG B 154 -32.27 -10.92 -37.91
C ARG B 154 -33.58 -10.83 -37.14
N TRP B 155 -33.85 -9.64 -36.60
CA TRP B 155 -35.10 -9.36 -35.88
C TRP B 155 -35.76 -8.18 -36.56
N LYS B 156 -36.92 -8.42 -37.18
CA LYS B 156 -37.62 -7.36 -37.88
C LYS B 156 -39.12 -7.51 -37.68
N ALA B 157 -39.79 -6.38 -37.49
CA ALA B 157 -41.23 -6.34 -37.31
C ALA B 157 -41.69 -4.90 -37.50
N ASP B 158 -43.00 -4.72 -37.48
CA ASP B 158 -43.60 -3.40 -37.59
C ASP B 158 -44.01 -2.95 -36.20
N VAL B 159 -43.49 -1.79 -35.76
CA VAL B 159 -43.83 -1.29 -34.44
C VAL B 159 -45.23 -0.71 -34.39
N ARG B 160 -45.78 -0.28 -35.54
CA ARG B 160 -47.15 0.21 -35.57
C ARG B 160 -48.16 -0.87 -35.24
N ARG B 161 -47.76 -2.14 -35.28
CA ARG B 161 -48.68 -3.24 -35.00
C ARG B 161 -48.47 -3.76 -33.58
N GLN B 167 -45.81 4.03 -25.27
CA GLN B 167 -45.08 5.29 -25.22
C GLN B 167 -43.78 5.14 -24.43
N TRP B 168 -43.80 4.23 -23.45
CA TRP B 168 -42.62 3.96 -22.64
C TRP B 168 -41.42 3.57 -23.51
N ILE B 169 -41.67 2.90 -24.64
CA ILE B 169 -40.60 2.40 -25.49
C ILE B 169 -39.76 3.53 -26.09
N TRP B 170 -40.32 4.73 -26.20
CA TRP B 170 -39.61 5.85 -26.79
C TRP B 170 -39.04 6.81 -25.75
N GLU B 171 -39.25 6.53 -24.47
CA GLU B 171 -38.74 7.35 -23.39
C GLU B 171 -37.30 6.97 -23.05
N PRO B 172 -36.52 7.91 -22.48
CA PRO B 172 -35.16 7.56 -22.04
C PRO B 172 -35.14 6.34 -21.15
N GLY B 173 -34.37 5.32 -21.53
CA GLY B 173 -34.36 4.06 -20.83
C GLY B 173 -35.39 3.06 -21.28
N GLY B 174 -36.23 3.40 -22.26
CA GLY B 174 -37.25 2.51 -22.76
C GLY B 174 -36.79 1.41 -23.69
N LEU B 175 -35.50 1.39 -24.03
CA LEU B 175 -34.85 0.35 -24.82
C LEU B 175 -35.15 0.43 -26.32
N GLY B 176 -36.34 0.91 -26.67
CA GLY B 176 -36.69 0.98 -28.09
C GLY B 176 -36.79 -0.40 -28.70
N VAL B 177 -36.15 -0.58 -29.86
CA VAL B 177 -36.21 -1.86 -30.55
C VAL B 177 -35.57 -2.98 -29.73
N PHE B 178 -34.74 -2.64 -28.74
CA PHE B 178 -34.16 -3.66 -27.88
C PHE B 178 -35.15 -4.20 -26.84
N ASP B 179 -36.30 -3.56 -26.67
CA ASP B 179 -37.32 -4.12 -25.79
C ASP B 179 -37.72 -5.53 -26.20
N PRO B 180 -38.06 -5.82 -27.48
CA PRO B 180 -38.24 -7.21 -27.88
C PRO B 180 -36.94 -7.85 -28.33
N GLY B 181 -36.04 -7.05 -28.90
CA GLY B 181 -34.79 -7.56 -29.43
C GLY B 181 -33.89 -8.19 -28.38
N ILE B 182 -34.07 -7.82 -27.10
CA ILE B 182 -33.29 -8.45 -26.04
C ILE B 182 -33.68 -9.91 -25.84
N ASN B 183 -34.87 -10.30 -26.30
CA ASN B 183 -35.24 -11.71 -26.25
C ASN B 183 -34.36 -12.55 -27.16
N ALA B 184 -34.09 -12.06 -28.37
CA ALA B 184 -33.18 -12.76 -29.26
C ALA B 184 -31.76 -12.79 -28.70
N LEU B 185 -31.36 -11.73 -27.99
CA LEU B 185 -30.03 -11.70 -27.38
C LEU B 185 -29.93 -12.68 -26.23
N SER B 186 -31.03 -12.91 -25.50
CA SER B 186 -31.00 -13.91 -24.43
C SER B 186 -30.89 -15.32 -25.00
N ILE B 187 -31.46 -15.57 -26.19
CA ILE B 187 -31.29 -16.86 -26.82
C ILE B 187 -29.87 -17.01 -27.35
N VAL B 188 -29.36 -15.98 -28.03
CA VAL B 188 -28.02 -16.03 -28.59
C VAL B 188 -27.00 -16.35 -27.50
N THR B 189 -27.07 -15.62 -26.38
CA THR B 189 -26.08 -15.79 -25.31
C THR B 189 -26.23 -17.13 -24.60
N ARG B 190 -27.39 -17.79 -24.71
CA ARG B 190 -27.55 -19.10 -24.10
C ARG B 190 -27.04 -20.23 -25.00
N ILE B 191 -27.23 -20.12 -26.32
CA ILE B 191 -26.88 -21.22 -27.20
C ILE B 191 -25.39 -21.21 -27.56
N LEU B 192 -24.76 -20.03 -27.58
CA LEU B 192 -23.35 -19.96 -27.92
C LEU B 192 -22.49 -20.34 -26.72
N PRO B 193 -21.41 -21.08 -26.92
CA PRO B 193 -20.63 -21.59 -25.79
C PRO B 193 -19.60 -20.62 -25.23
N ARG B 194 -19.43 -19.43 -25.82
CA ARG B 194 -18.40 -18.50 -25.38
C ARG B 194 -18.97 -17.09 -25.30
N GLU B 195 -18.34 -16.27 -24.45
CA GLU B 195 -18.81 -14.92 -24.19
C GLU B 195 -18.66 -14.05 -25.43
N LEU B 196 -19.55 -13.06 -25.54
CA LEU B 196 -19.55 -12.12 -26.64
C LEU B 196 -19.00 -10.77 -26.20
N VAL B 197 -18.23 -10.13 -27.08
CA VAL B 197 -17.73 -8.78 -26.87
C VAL B 197 -18.25 -7.91 -28.01
N LEU B 198 -18.84 -6.77 -27.66
CA LEU B 198 -19.34 -5.85 -28.67
C LEU B 198 -18.18 -5.06 -29.27
N ARG B 199 -18.04 -5.15 -30.59
CA ARG B 199 -16.95 -4.48 -31.30
C ARG B 199 -17.40 -3.23 -32.05
N GLU B 200 -18.66 -3.17 -32.48
CA GLU B 200 -19.23 -1.99 -33.11
C GLU B 200 -20.74 -2.09 -33.01
N ALA B 201 -21.38 -0.94 -32.84
CA ALA B 201 -22.83 -0.88 -32.81
C ALA B 201 -23.30 0.40 -33.50
N THR B 202 -24.50 0.34 -34.06
CA THR B 202 -25.14 1.50 -34.67
C THR B 202 -26.59 1.53 -34.22
N LEU B 203 -27.00 2.66 -33.65
CA LEU B 203 -28.39 2.87 -33.22
C LEU B 203 -29.04 3.92 -34.11
N ILE B 204 -30.20 3.58 -34.67
CA ILE B 204 -30.95 4.48 -35.52
C ILE B 204 -32.11 5.04 -34.71
N VAL B 205 -32.10 6.34 -34.47
CA VAL B 205 -33.00 6.99 -33.53
C VAL B 205 -33.85 8.01 -34.29
N PRO B 206 -35.17 7.82 -34.37
CA PRO B 206 -36.03 8.89 -34.89
C PRO B 206 -35.84 10.17 -34.09
N SER B 207 -35.89 11.31 -34.79
CA SER B 207 -35.54 12.59 -34.18
C SER B 207 -36.48 13.00 -33.07
N ASP B 208 -37.67 12.40 -32.98
CA ASP B 208 -38.66 12.77 -31.97
C ASP B 208 -38.74 11.77 -30.82
N VAL B 209 -37.80 10.82 -30.74
CA VAL B 209 -37.80 9.81 -29.68
C VAL B 209 -36.39 9.76 -29.08
N GLN B 210 -36.25 8.94 -28.03
CA GLN B 210 -35.00 8.83 -27.28
C GLN B 210 -34.45 7.41 -27.27
N THR B 211 -35.00 6.51 -28.06
CA THR B 211 -34.59 5.12 -28.14
C THR B 211 -34.49 4.71 -29.60
N PRO B 212 -33.73 3.65 -29.90
CA PRO B 212 -33.54 3.29 -31.31
C PRO B 212 -34.74 2.54 -31.89
N ILE B 213 -35.10 2.92 -33.12
CA ILE B 213 -36.07 2.13 -33.88
C ILE B 213 -35.40 0.98 -34.61
N ALA B 214 -34.11 1.11 -34.92
CA ALA B 214 -33.35 0.06 -35.57
C ALA B 214 -31.93 0.08 -35.04
N ALA B 215 -31.28 -1.08 -35.07
CA ALA B 215 -29.95 -1.19 -34.50
C ALA B 215 -29.20 -2.34 -35.14
N GLU B 216 -27.89 -2.18 -35.24
CA GLU B 216 -26.99 -3.21 -35.74
C GLU B 216 -25.90 -3.44 -34.71
N LEU B 217 -25.69 -4.69 -34.32
CA LEU B 217 -24.67 -5.07 -33.37
C LEU B 217 -23.60 -5.90 -34.07
N ASP B 218 -22.34 -5.57 -33.81
CA ASP B 218 -21.19 -6.28 -34.37
C ASP B 218 -20.37 -6.81 -33.19
N CYS B 219 -20.54 -8.10 -32.89
CA CYS B 219 -19.85 -8.73 -31.77
C CYS B 219 -18.87 -9.78 -32.27
N ALA B 220 -17.98 -10.19 -31.37
CA ALA B 220 -17.10 -11.31 -31.59
C ALA B 220 -17.00 -12.09 -30.29
N ASP B 221 -17.06 -13.42 -30.38
CA ASP B 221 -16.92 -14.21 -29.17
C ASP B 221 -15.43 -14.32 -28.81
N THR B 222 -15.13 -15.01 -27.71
CA THR B 222 -13.75 -15.02 -27.22
C THR B 222 -12.82 -15.85 -28.09
N ASP B 223 -13.34 -16.56 -29.09
CA ASP B 223 -12.54 -17.21 -30.11
C ASP B 223 -12.48 -16.41 -31.40
N GLY B 224 -13.03 -15.19 -31.41
CA GLY B 224 -13.05 -14.36 -32.59
C GLY B 224 -14.19 -14.60 -33.56
N VAL B 225 -15.13 -15.48 -33.21
CA VAL B 225 -16.27 -15.76 -34.08
C VAL B 225 -17.15 -14.51 -34.21
N PRO B 226 -17.35 -13.99 -35.42
CA PRO B 226 -18.22 -12.81 -35.57
C PRO B 226 -19.67 -13.17 -35.30
N VAL B 227 -20.34 -12.31 -34.52
CA VAL B 227 -21.75 -12.46 -34.18
C VAL B 227 -22.44 -11.16 -34.52
N ARG B 228 -23.22 -11.16 -35.60
CA ARG B 228 -23.88 -9.96 -36.09
C ARG B 228 -25.37 -10.03 -35.81
N ALA B 229 -25.95 -8.91 -35.39
CA ALA B 229 -27.37 -8.84 -35.09
C ALA B 229 -27.95 -7.56 -35.69
N GLU B 230 -29.07 -7.69 -36.38
CA GLU B 230 -29.80 -6.55 -36.93
C GLU B 230 -31.21 -6.55 -36.34
N PHE B 231 -31.61 -5.42 -35.79
CA PHE B 231 -32.95 -5.22 -35.25
C PHE B 231 -33.59 -4.06 -35.99
N ASP B 232 -34.80 -4.24 -36.49
CA ASP B 232 -35.50 -3.17 -37.20
C ASP B 232 -36.97 -3.20 -36.83
N TRP B 233 -37.48 -2.03 -36.45
CA TRP B 233 -38.88 -1.84 -36.10
C TRP B 233 -39.65 -1.07 -37.16
N ARG B 234 -38.98 -0.60 -38.20
CA ARG B 234 -39.63 0.18 -39.25
C ARG B 234 -40.30 -0.74 -40.25
N HIS B 235 -41.11 -0.14 -41.12
CA HIS B 235 -41.68 -0.86 -42.25
C HIS B 235 -40.59 -1.18 -43.27
N GLY B 236 -40.61 -2.40 -43.79
CA GLY B 236 -39.68 -2.80 -44.82
C GLY B 236 -40.11 -4.09 -45.49
N PRO B 237 -39.28 -5.13 -45.37
CA PRO B 237 -39.68 -6.45 -45.86
C PRO B 237 -40.41 -7.26 -44.79
N VAL B 238 -40.78 -8.50 -45.11
CA VAL B 238 -41.67 -9.26 -44.25
C VAL B 238 -41.03 -9.52 -42.89
N GLU B 239 -41.86 -9.50 -41.85
CA GLU B 239 -41.44 -9.79 -40.48
C GLU B 239 -40.53 -11.01 -40.43
N GLN B 240 -39.52 -10.95 -39.55
CA GLN B 240 -38.64 -12.11 -39.40
C GLN B 240 -37.98 -12.10 -38.03
N TRP B 241 -37.80 -13.30 -37.49
CA TRP B 241 -37.08 -13.56 -36.25
C TRP B 241 -36.23 -14.79 -36.52
N GLU B 242 -34.92 -14.61 -36.69
CA GLU B 242 -34.08 -15.74 -37.07
C GLU B 242 -32.70 -15.62 -36.47
N ILE B 243 -32.19 -16.75 -35.97
CA ILE B 243 -30.80 -16.90 -35.55
C ILE B 243 -30.18 -18.00 -36.39
N ALA B 244 -29.16 -17.66 -37.16
CA ALA B 244 -28.45 -18.62 -38.00
C ALA B 244 -27.00 -18.70 -37.55
N VAL B 245 -26.56 -19.91 -37.20
CA VAL B 245 -25.21 -20.15 -36.71
C VAL B 245 -24.53 -21.13 -37.66
N ASP B 246 -23.57 -20.65 -38.42
CA ASP B 246 -22.85 -21.46 -39.40
C ASP B 246 -21.69 -22.18 -38.70
N THR B 247 -21.61 -23.50 -38.89
CA THR B 247 -20.56 -24.32 -38.32
C THR B 247 -19.90 -25.13 -39.42
N ALA B 248 -18.87 -25.89 -39.04
CA ALA B 248 -18.21 -26.79 -39.98
C ALA B 248 -19.11 -27.96 -40.36
N ASP B 249 -20.13 -28.25 -39.57
CA ASP B 249 -21.10 -29.30 -39.85
C ASP B 249 -22.38 -28.77 -40.46
N GLY B 250 -22.37 -27.54 -40.95
CA GLY B 250 -23.55 -26.95 -41.55
C GLY B 250 -24.16 -25.86 -40.66
N VAL B 251 -25.30 -25.37 -41.11
CA VAL B 251 -25.98 -24.24 -40.49
C VAL B 251 -27.01 -24.73 -39.48
N LEU B 252 -27.01 -24.13 -38.30
CA LEU B 252 -28.09 -24.29 -37.33
C LEU B 252 -28.96 -23.04 -37.39
N ALA B 253 -30.26 -23.22 -37.59
CA ALA B 253 -31.17 -22.11 -37.82
C ALA B 253 -32.33 -22.19 -36.82
N ILE B 254 -32.47 -21.14 -36.02
CA ILE B 254 -33.62 -20.99 -35.13
C ILE B 254 -34.55 -19.95 -35.74
N SER B 255 -35.83 -20.27 -35.84
CA SER B 255 -36.83 -19.36 -36.36
C SER B 255 -38.06 -19.38 -35.46
N ARG B 256 -39.01 -18.51 -35.76
CA ARG B 256 -40.28 -18.43 -35.04
C ARG B 256 -40.07 -18.19 -33.55
N GLY B 257 -39.24 -17.19 -33.24
CA GLY B 257 -38.98 -16.81 -31.86
C GLY B 257 -38.43 -17.91 -30.98
N GLY B 258 -37.88 -18.96 -31.57
CA GLY B 258 -37.35 -20.07 -30.80
C GLY B 258 -38.22 -21.32 -30.80
N ALA B 259 -39.32 -21.32 -31.55
CA ALA B 259 -40.18 -22.50 -31.65
C ALA B 259 -39.74 -23.47 -32.73
N GLN B 260 -38.90 -23.03 -33.67
CA GLN B 260 -38.55 -23.80 -34.85
C GLN B 260 -37.03 -23.91 -34.97
N LEU B 261 -36.56 -25.11 -35.28
CA LEU B 261 -35.13 -25.39 -35.33
C LEU B 261 -34.81 -26.24 -36.56
N SER B 262 -33.75 -25.86 -37.27
CA SER B 262 -33.20 -26.65 -38.36
C SER B 262 -31.70 -26.81 -38.15
N ILE B 263 -31.19 -28.00 -38.43
CA ILE B 263 -29.77 -28.30 -38.28
C ILE B 263 -29.27 -28.92 -39.57
N ALA B 264 -28.32 -28.25 -40.23
CA ALA B 264 -27.75 -28.72 -41.49
C ALA B 264 -28.85 -29.01 -42.52
N GLY B 265 -29.84 -28.12 -42.58
CA GLY B 265 -30.96 -28.27 -43.49
C GLY B 265 -32.03 -29.24 -43.06
N GLU B 266 -31.81 -30.02 -42.00
CA GLU B 266 -32.79 -30.99 -41.53
C GLU B 266 -33.64 -30.37 -40.42
N PRO B 267 -34.95 -30.26 -40.60
CA PRO B 267 -35.79 -29.75 -39.50
C PRO B 267 -35.77 -30.71 -38.33
N VAL B 268 -35.82 -30.16 -37.12
CA VAL B 268 -35.77 -30.93 -35.89
C VAL B 268 -37.14 -30.88 -35.22
N GLU B 269 -37.60 -32.04 -34.75
CA GLU B 269 -38.85 -32.12 -34.02
C GLU B 269 -38.69 -31.47 -32.65
N LEU B 270 -39.58 -30.52 -32.32
CA LEU B 270 -39.54 -29.84 -31.04
C LEU B 270 -40.87 -30.00 -30.33
N GLY B 271 -40.81 -30.00 -29.00
CA GLY B 271 -42.00 -30.09 -28.20
C GLY B 271 -42.80 -28.80 -28.23
N PRO B 272 -43.97 -28.82 -27.58
CA PRO B 272 -44.78 -27.61 -27.50
C PRO B 272 -44.10 -26.54 -26.65
N GLU B 273 -44.49 -25.29 -26.91
CA GLU B 273 -43.94 -24.17 -26.17
C GLU B 273 -44.45 -24.19 -24.73
N ARG B 274 -43.52 -24.16 -23.78
CA ARG B 274 -43.86 -24.09 -22.36
C ARG B 274 -42.84 -23.23 -21.63
N GLU B 275 -42.63 -22.01 -22.12
CA GLU B 275 -41.60 -21.13 -21.58
C GLU B 275 -41.82 -20.87 -20.09
N TYR B 276 -43.04 -20.55 -19.70
CA TYR B 276 -43.28 -20.14 -18.33
C TYR B 276 -43.44 -21.31 -17.36
N PRO B 277 -44.03 -22.44 -17.76
CA PRO B 277 -43.89 -23.64 -16.92
C PRO B 277 -42.43 -24.01 -16.68
N ALA B 278 -41.57 -23.83 -17.68
CA ALA B 278 -40.15 -24.10 -17.49
C ALA B 278 -39.52 -23.12 -16.51
N LEU B 279 -39.86 -21.84 -16.62
CA LEU B 279 -39.32 -20.84 -15.70
C LEU B 279 -39.70 -21.17 -14.26
N TYR B 280 -40.96 -21.51 -14.03
CA TYR B 280 -41.40 -21.76 -12.66
C TYR B 280 -40.85 -23.08 -12.12
N ALA B 281 -40.64 -24.07 -13.00
CA ALA B 281 -39.98 -25.29 -12.56
C ALA B 281 -38.54 -25.02 -12.15
N HIS B 282 -37.86 -24.14 -12.88
CA HIS B 282 -36.49 -23.79 -12.53
C HIS B 282 -36.44 -22.94 -11.26
N PHE B 283 -37.38 -22.00 -11.11
CA PHE B 283 -37.43 -21.20 -9.89
C PHE B 283 -37.60 -22.10 -8.66
N HIS B 284 -38.47 -23.09 -8.74
CA HIS B 284 -38.64 -24.02 -7.64
C HIS B 284 -37.37 -24.81 -7.39
N ALA B 285 -36.70 -25.26 -8.45
CA ALA B 285 -35.47 -26.01 -8.29
C ALA B 285 -34.37 -25.16 -7.67
N LEU B 286 -34.30 -23.87 -8.06
CA LEU B 286 -33.32 -22.97 -7.46
C LEU B 286 -33.56 -22.82 -5.96
N ILE B 287 -34.81 -22.64 -5.54
CA ILE B 287 -35.12 -22.50 -4.13
C ILE B 287 -34.75 -23.78 -3.38
N ALA B 288 -34.97 -24.94 -4.01
CA ALA B 288 -34.66 -26.20 -3.34
C ALA B 288 -33.15 -26.37 -3.13
N ARG B 289 -32.35 -26.05 -4.15
CA ARG B 289 -30.91 -26.14 -4.01
C ARG B 289 -30.28 -24.95 -3.30
N GLY B 290 -31.06 -23.94 -2.96
CA GLY B 290 -30.51 -22.74 -2.34
C GLY B 290 -29.62 -21.94 -3.26
N GLU B 291 -29.98 -21.83 -4.53
CA GLU B 291 -29.15 -21.18 -5.54
C GLU B 291 -29.90 -20.00 -6.14
N SER B 292 -29.13 -19.13 -6.81
CA SER B 292 -29.68 -18.01 -7.56
C SER B 292 -29.30 -18.15 -9.02
N ASP B 293 -29.95 -17.33 -9.87
CA ASP B 293 -29.76 -17.43 -11.32
C ASP B 293 -30.00 -16.03 -11.89
N VAL B 294 -28.95 -15.20 -11.84
CA VAL B 294 -29.07 -13.81 -12.26
C VAL B 294 -28.11 -13.54 -13.41
N ASP B 295 -28.51 -13.92 -14.62
CA ASP B 295 -27.72 -13.69 -15.82
C ASP B 295 -28.11 -12.32 -16.39
N VAL B 296 -27.24 -11.33 -16.23
CA VAL B 296 -27.49 -9.99 -16.72
C VAL B 296 -26.88 -9.75 -18.09
N ARG B 297 -26.18 -10.73 -18.66
CA ARG B 297 -25.45 -10.54 -19.90
C ARG B 297 -26.30 -10.03 -21.06
N PRO B 298 -27.55 -10.47 -21.28
CA PRO B 298 -28.33 -9.86 -22.38
C PRO B 298 -28.58 -8.38 -22.17
N LEU B 299 -28.82 -7.96 -20.92
CA LEU B 299 -28.99 -6.55 -20.64
C LEU B 299 -27.66 -5.81 -20.72
N ARG B 300 -26.58 -6.45 -20.28
CA ARG B 300 -25.26 -5.81 -20.36
C ARG B 300 -24.85 -5.56 -21.80
N LEU B 301 -25.20 -6.49 -22.70
CA LEU B 301 -24.89 -6.28 -24.12
C LEU B 301 -25.67 -5.10 -24.69
N VAL B 302 -26.94 -4.98 -24.30
CA VAL B 302 -27.75 -3.83 -24.72
C VAL B 302 -27.16 -2.54 -24.15
N ALA B 303 -26.76 -2.56 -22.88
CA ALA B 303 -26.12 -1.39 -22.29
C ALA B 303 -24.84 -1.03 -23.05
N ASP B 304 -24.04 -2.04 -23.39
CA ASP B 304 -22.83 -1.77 -24.15
C ASP B 304 -23.15 -1.13 -25.50
N ALA B 305 -24.26 -1.53 -26.12
CA ALA B 305 -24.66 -0.91 -27.39
C ALA B 305 -25.01 0.55 -27.21
N PHE B 306 -25.71 0.89 -26.13
CA PHE B 306 -26.00 2.31 -25.86
C PHE B 306 -24.73 3.08 -25.51
N LEU B 307 -23.78 2.43 -24.83
CA LEU B 307 -22.55 3.08 -24.42
C LEU B 307 -21.59 3.26 -25.60
N PHE B 308 -21.36 2.18 -26.35
CA PHE B 308 -20.38 2.13 -27.43
C PHE B 308 -20.98 2.47 -28.80
N GLY B 309 -22.30 2.52 -28.93
CA GLY B 309 -22.91 2.59 -30.23
C GLY B 309 -22.80 3.97 -30.88
N ARG B 310 -22.59 3.96 -32.19
CA ARG B 310 -22.73 5.16 -33.00
C ARG B 310 -24.21 5.43 -33.22
N ARG B 311 -24.61 6.69 -33.11
CA ARG B 311 -26.02 7.06 -33.18
C ARG B 311 -26.30 7.81 -34.47
N VAL B 312 -27.39 7.42 -35.15
CA VAL B 312 -27.78 8.00 -36.43
C VAL B 312 -29.22 8.46 -36.32
N GLN B 313 -29.47 9.70 -36.72
CA GLN B 313 -30.82 10.25 -36.70
C GLN B 313 -31.57 9.85 -37.97
N THR B 314 -32.87 9.61 -37.83
CA THR B 314 -33.76 9.37 -38.96
C THR B 314 -34.99 10.25 -38.80
N ASP B 315 -35.91 10.13 -39.75
CA ASP B 315 -37.12 10.96 -39.73
C ASP B 315 -37.93 10.68 -38.48
N ALA B 316 -38.73 11.68 -38.08
CA ALA B 316 -39.59 11.54 -36.92
C ALA B 316 -40.54 10.35 -37.11
N PHE B 317 -41.04 9.86 -35.97
CA PHE B 317 -41.84 8.63 -35.97
C PHE B 317 -43.33 8.93 -35.96
N ASP C 13 56.47 19.00 15.94
CA ASP C 13 56.99 17.86 15.22
C ASP C 13 57.45 16.75 16.16
N GLN C 14 56.51 15.89 16.58
CA GLN C 14 56.86 14.77 17.44
C GLN C 14 56.04 13.53 17.11
N VAL C 15 54.76 13.71 16.80
CA VAL C 15 53.93 12.65 16.25
C VAL C 15 53.81 12.90 14.76
N SER C 16 54.35 11.97 13.96
CA SER C 16 54.28 12.11 12.51
C SER C 16 52.88 11.76 12.03
N LEU C 17 52.29 12.67 11.27
CA LEU C 17 50.86 12.64 10.97
C LEU C 17 50.62 12.65 9.46
N GLY C 18 49.66 11.84 9.02
CA GLY C 18 49.17 11.87 7.67
C GLY C 18 47.73 12.33 7.64
N VAL C 19 47.35 13.02 6.57
CA VAL C 19 46.01 13.57 6.41
C VAL C 19 45.43 13.03 5.10
N VAL C 20 44.18 12.57 5.15
CA VAL C 20 43.54 11.87 4.04
C VAL C 20 42.28 12.63 3.64
N GLY C 21 42.23 13.07 2.39
CA GLY C 21 41.07 13.76 1.87
C GLY C 21 41.20 15.27 1.95
N ILE C 22 41.96 15.86 1.05
CA ILE C 22 42.30 17.29 1.14
C ILE C 22 41.24 18.04 0.34
N GLY C 23 40.12 18.32 1.01
CA GLY C 23 39.08 19.19 0.50
C GLY C 23 39.11 20.55 1.15
N LYS C 24 37.97 21.22 1.10
CA LYS C 24 37.91 22.59 1.61
C LYS C 24 38.16 22.65 3.12
N ILE C 25 37.54 21.74 3.88
CA ILE C 25 37.73 21.78 5.33
C ILE C 25 39.16 21.38 5.70
N ALA C 26 39.78 20.49 4.93
CA ALA C 26 41.18 20.16 5.16
C ALA C 26 42.07 21.36 4.91
N ARG C 27 41.81 22.09 3.82
CA ARG C 27 42.59 23.29 3.51
C ARG C 27 42.34 24.39 4.53
N ASP C 28 41.07 24.65 4.86
CA ASP C 28 40.72 25.81 5.66
C ASP C 28 40.95 25.59 7.15
N GLN C 29 40.81 24.35 7.64
CA GLN C 29 40.83 24.11 9.07
C GLN C 29 41.91 23.14 9.51
N HIS C 30 42.00 21.97 8.88
CA HIS C 30 42.89 20.93 9.39
C HIS C 30 44.36 21.32 9.21
N LEU C 31 44.76 21.63 7.98
CA LEU C 31 46.17 21.92 7.72
C LEU C 31 46.67 23.14 8.50
N PRO C 32 45.97 24.28 8.57
CA PRO C 32 46.44 25.36 9.45
C PRO C 32 46.55 24.95 10.90
N ALA C 33 45.55 24.25 11.43
CA ALA C 33 45.61 23.78 12.82
C ALA C 33 46.81 22.86 13.03
N ILE C 34 47.06 21.96 12.07
CA ILE C 34 48.22 21.06 12.18
C ILE C 34 49.52 21.87 12.14
N ASP C 35 49.59 22.87 11.26
CA ASP C 35 50.81 23.65 11.12
C ASP C 35 51.18 24.36 12.41
N ALA C 36 50.18 24.89 13.12
CA ALA C 36 50.42 25.62 14.37
C ALA C 36 50.46 24.69 15.58
N GLU C 37 50.25 23.40 15.40
CA GLU C 37 50.31 22.46 16.51
C GLU C 37 51.68 21.80 16.53
N PRO C 38 52.56 22.14 17.47
CA PRO C 38 53.92 21.56 17.47
C PRO C 38 53.97 20.11 17.91
N GLY C 39 52.86 19.56 18.44
CA GLY C 39 52.85 18.14 18.77
C GLY C 39 52.84 17.22 17.57
N PHE C 40 52.53 17.76 16.38
CA PHE C 40 52.45 16.97 15.16
C PHE C 40 53.42 17.50 14.12
N LYS C 41 53.96 16.58 13.32
CA LYS C 41 54.70 16.91 12.11
C LYS C 41 53.91 16.36 10.93
N LEU C 42 53.44 17.26 10.06
CA LEU C 42 52.75 16.82 8.84
C LEU C 42 53.75 16.13 7.93
N THR C 43 53.61 14.81 7.79
CA THR C 43 54.53 13.98 7.05
C THR C 43 54.07 13.70 5.63
N ALA C 44 52.79 13.41 5.43
CA ALA C 44 52.30 13.05 4.11
C ALA C 44 50.79 13.27 4.07
N CYS C 45 50.27 13.40 2.85
CA CYS C 45 48.84 13.54 2.63
C CYS C 45 48.40 12.68 1.46
N ALA C 46 47.21 12.11 1.57
CA ALA C 46 46.61 11.30 0.51
C ALA C 46 45.38 12.01 -0.01
N SER C 47 45.30 12.12 -1.34
CA SER C 47 44.14 12.74 -1.99
C SER C 47 44.13 12.36 -3.46
N ARG C 48 42.95 12.02 -3.96
CA ARG C 48 42.84 11.61 -5.36
C ARG C 48 43.05 12.79 -6.31
N HIS C 49 42.64 13.98 -5.91
CA HIS C 49 42.62 15.14 -6.80
C HIS C 49 43.22 16.37 -6.15
N ALA C 50 44.26 16.20 -5.32
CA ALA C 50 44.86 17.35 -4.66
C ALA C 50 46.25 16.98 -4.16
N GLU C 51 47.11 18.00 -4.08
CA GLU C 51 48.47 17.87 -3.59
C GLU C 51 48.75 18.97 -2.58
N VAL C 52 49.48 18.64 -1.52
CA VAL C 52 49.85 19.59 -0.49
C VAL C 52 51.33 19.85 -0.60
N THR C 53 51.70 21.11 -0.85
CA THR C 53 53.10 21.46 -1.01
C THR C 53 53.86 21.25 0.31
N GLY C 54 55.11 20.80 0.18
CA GLY C 54 55.99 20.66 1.33
C GLY C 54 56.03 19.29 1.95
N VAL C 55 55.10 18.40 1.59
CA VAL C 55 55.06 17.06 2.15
C VAL C 55 54.96 16.07 0.99
N ARG C 56 55.11 14.79 1.32
CA ARG C 56 54.94 13.73 0.34
C ARG C 56 53.46 13.50 0.10
N ASN C 57 53.10 13.27 -1.16
CA ASN C 57 51.71 13.17 -1.57
C ASN C 57 51.43 11.82 -2.20
N TYR C 58 50.27 11.26 -1.84
CA TYR C 58 49.82 9.99 -2.39
C TYR C 58 48.37 10.15 -2.85
N ARG C 59 47.95 9.27 -3.74
CA ARG C 59 46.58 9.33 -4.25
C ARG C 59 45.60 8.55 -3.39
N ASP C 60 46.08 7.69 -2.48
CA ASP C 60 45.20 6.91 -1.63
C ASP C 60 45.97 6.52 -0.37
N LEU C 61 45.20 6.19 0.67
CA LEU C 61 45.80 5.86 1.96
C LEU C 61 46.61 4.57 1.88
N ARG C 62 46.16 3.61 1.07
CA ARG C 62 46.89 2.36 0.90
C ARG C 62 48.36 2.61 0.57
N ALA C 63 48.62 3.45 -0.43
CA ALA C 63 49.99 3.72 -0.82
C ALA C 63 50.73 4.51 0.26
N LEU C 64 50.03 5.44 0.92
CA LEU C 64 50.66 6.21 1.99
C LEU C 64 51.14 5.31 3.11
N LEU C 65 50.28 4.39 3.57
CA LEU C 65 50.64 3.52 4.67
C LEU C 65 51.81 2.60 4.30
N ALA C 66 51.82 2.11 3.06
CA ALA C 66 52.91 1.22 2.64
C ALA C 66 54.24 1.96 2.58
N ALA C 67 54.22 3.23 2.17
CA ALA C 67 55.44 3.98 1.97
C ALA C 67 55.93 4.68 3.25
N GLU C 68 55.01 5.18 4.07
CA GLU C 68 55.38 5.97 5.25
C GLU C 68 55.47 5.03 6.45
N ARG C 69 56.63 4.37 6.57
CA ARG C 69 56.79 3.34 7.60
C ARG C 69 56.94 3.91 8.99
N GLU C 70 57.46 5.12 9.13
CA GLU C 70 57.59 5.76 10.42
C GLU C 70 56.41 6.65 10.78
N LEU C 71 55.30 6.54 10.04
CA LEU C 71 54.12 7.33 10.33
C LEU C 71 53.49 6.87 11.64
N ASP C 72 53.00 7.82 12.44
CA ASP C 72 52.42 7.52 13.73
C ASP C 72 50.89 7.58 13.74
N ALA C 73 50.30 8.55 13.06
CA ALA C 73 48.86 8.75 13.13
C ALA C 73 48.35 9.31 11.81
N VAL C 74 47.06 9.11 11.56
CA VAL C 74 46.39 9.70 10.41
C VAL C 74 45.14 10.43 10.87
N SER C 75 44.81 11.50 10.15
CA SER C 75 43.59 12.25 10.37
C SER C 75 42.74 12.16 9.10
N LEU C 76 41.54 11.61 9.23
CA LEU C 76 40.69 11.30 8.08
C LEU C 76 39.65 12.40 7.91
N CYS C 77 39.63 13.02 6.73
CA CYS C 77 38.75 14.15 6.45
C CYS C 77 37.71 13.86 5.38
N ALA C 78 37.67 12.64 4.84
CA ALA C 78 36.77 12.30 3.76
C ALA C 78 35.34 12.14 4.28
N PRO C 79 34.35 12.03 3.39
CA PRO C 79 32.99 11.75 3.85
C PRO C 79 32.93 10.43 4.57
N PRO C 80 31.97 10.26 5.49
CA PRO C 80 31.99 9.08 6.38
C PRO C 80 31.81 7.74 5.66
N GLN C 81 31.10 7.68 4.52
CA GLN C 81 30.91 6.34 3.98
C GLN C 81 32.12 5.85 3.17
N VAL C 82 33.22 6.60 3.13
CA VAL C 82 34.48 6.07 2.65
C VAL C 82 35.56 6.05 3.71
N ARG C 83 35.33 6.68 4.86
CA ARG C 83 36.35 6.71 5.91
C ARG C 83 36.43 5.41 6.70
N TYR C 84 35.38 4.59 6.68
CA TYR C 84 35.41 3.36 7.46
C TYR C 84 36.53 2.43 7.00
N ALA C 85 36.60 2.17 5.69
CA ALA C 85 37.67 1.33 5.17
C ALA C 85 39.03 1.98 5.39
N GLN C 86 39.10 3.30 5.28
CA GLN C 86 40.35 4.01 5.54
C GLN C 86 40.78 3.86 7.00
N ALA C 87 39.84 4.07 7.93
CA ALA C 87 40.16 3.94 9.35
C ALA C 87 40.55 2.51 9.70
N ARG C 88 39.87 1.52 9.11
CA ARG C 88 40.27 0.14 9.27
C ARG C 88 41.71 -0.06 8.82
N ALA C 89 42.06 0.48 7.65
CA ALA C 89 43.39 0.26 7.10
C ALA C 89 44.46 0.90 7.97
N ALA C 90 44.20 2.11 8.48
CA ALA C 90 45.21 2.78 9.30
C ALA C 90 45.42 2.07 10.62
N LEU C 91 44.34 1.61 11.25
CA LEU C 91 44.47 0.90 12.52
C LEU C 91 45.19 -0.44 12.34
N GLU C 92 44.87 -1.15 11.26
CA GLU C 92 45.57 -2.40 10.97
C GLU C 92 47.04 -2.16 10.61
N ALA C 93 47.39 -0.95 10.18
CA ALA C 93 48.78 -0.59 9.94
C ALA C 93 49.46 -0.04 11.19
N GLY C 94 48.76 -0.02 12.33
CA GLY C 94 49.36 0.42 13.57
C GLY C 94 49.39 1.92 13.77
N LYS C 95 48.47 2.65 13.17
CA LYS C 95 48.43 4.10 13.28
C LYS C 95 47.26 4.55 14.15
N HIS C 96 47.50 5.59 14.94
CA HIS C 96 46.40 6.28 15.60
C HIS C 96 45.54 6.99 14.56
N VAL C 97 44.25 7.10 14.85
CA VAL C 97 43.28 7.57 13.86
C VAL C 97 42.40 8.65 14.48
N MET C 98 42.30 9.78 13.81
CA MET C 98 41.37 10.85 14.14
C MET C 98 40.34 10.94 13.03
N LEU C 99 39.06 10.93 13.40
CA LEU C 99 37.96 10.91 12.45
C LEU C 99 37.22 12.23 12.44
N GLU C 100 36.86 12.70 11.24
CA GLU C 100 35.90 13.79 11.14
C GLU C 100 34.53 13.30 11.60
N LYS C 101 33.61 14.27 11.79
CA LYS C 101 32.26 13.90 12.19
C LYS C 101 31.38 13.69 10.96
N PRO C 102 30.41 12.76 11.03
CA PRO C 102 30.19 11.83 12.13
C PRO C 102 31.19 10.68 12.06
N PRO C 103 31.43 9.98 13.18
CA PRO C 103 32.46 8.94 13.18
C PRO C 103 32.20 7.79 12.22
N GLY C 104 30.95 7.60 11.81
CA GLY C 104 30.67 6.57 10.82
C GLY C 104 29.34 6.85 10.14
N ALA C 105 29.10 6.11 9.06
CA ALA C 105 27.79 6.18 8.41
C ALA C 105 26.78 5.26 9.06
N THR C 106 27.23 4.29 9.85
CA THR C 106 26.37 3.44 10.64
C THR C 106 27.02 3.26 12.01
N LEU C 107 26.20 2.86 12.99
CA LEU C 107 26.73 2.61 14.32
C LEU C 107 27.60 1.37 14.36
N GLY C 108 27.27 0.35 13.55
CA GLY C 108 28.10 -0.84 13.51
C GLY C 108 29.51 -0.56 13.04
N GLU C 109 29.67 0.35 12.08
CA GLU C 109 30.98 0.76 11.63
C GLU C 109 31.84 1.25 12.79
N VAL C 110 31.29 2.19 13.58
CA VAL C 110 32.06 2.80 14.66
C VAL C 110 32.42 1.77 15.71
N ALA C 111 31.49 0.86 16.02
CA ALA C 111 31.77 -0.17 17.02
C ALA C 111 32.91 -1.08 16.58
N VAL C 112 32.96 -1.40 15.28
CA VAL C 112 34.06 -2.21 14.76
C VAL C 112 35.38 -1.45 14.90
N LEU C 113 35.38 -0.17 14.51
CA LEU C 113 36.60 0.63 14.59
C LEU C 113 37.09 0.76 16.02
N GLU C 114 36.18 1.00 16.97
CA GLU C 114 36.58 1.18 18.35
C GLU C 114 37.16 -0.11 18.93
N ALA C 115 36.55 -1.26 18.61
CA ALA C 115 37.09 -2.54 19.07
C ALA C 115 38.44 -2.82 18.43
N LEU C 116 38.60 -2.46 17.15
CA LEU C 116 39.87 -2.67 16.47
C LEU C 116 40.97 -1.82 17.10
N ALA C 117 40.66 -0.56 17.42
CA ALA C 117 41.65 0.32 18.04
C ALA C 117 42.04 -0.16 19.44
N ARG C 118 41.09 -0.74 20.18
CA ARG C 118 41.39 -1.16 21.55
C ARG C 118 42.25 -2.42 21.56
N GLU C 119 41.91 -3.41 20.73
CA GLU C 119 42.71 -4.62 20.68
C GLU C 119 44.12 -4.34 20.16
N ARG C 120 44.30 -3.24 19.43
CA ARG C 120 45.63 -2.82 18.96
C ARG C 120 46.31 -1.85 19.91
N GLY C 121 45.60 -1.34 20.92
CA GLY C 121 46.19 -0.34 21.79
C GLY C 121 46.40 1.00 21.13
N LEU C 122 45.61 1.32 20.12
CA LEU C 122 45.78 2.56 19.36
C LEU C 122 44.76 3.60 19.79
N THR C 123 45.11 4.86 19.55
CA THR C 123 44.22 5.97 19.86
C THR C 123 43.24 6.18 18.70
N LEU C 124 41.96 6.14 19.00
CA LEU C 124 40.90 6.45 18.05
C LEU C 124 40.13 7.64 18.59
N PHE C 125 40.02 8.69 17.79
CA PHE C 125 39.41 9.95 18.21
C PHE C 125 38.27 10.28 17.23
N ALA C 126 37.04 10.13 17.71
CA ALA C 126 35.87 10.59 16.98
C ALA C 126 35.63 12.06 17.35
N THR C 127 35.89 12.96 16.41
CA THR C 127 35.79 14.38 16.68
C THR C 127 34.39 14.90 16.44
N TRP C 128 34.03 15.94 17.19
CA TRP C 128 32.83 16.74 16.96
C TRP C 128 33.29 18.19 17.09
N HIS C 129 33.58 18.84 15.95
CA HIS C 129 34.25 20.14 15.99
C HIS C 129 33.41 21.18 16.70
N SER C 130 32.08 21.07 16.66
CA SER C 130 31.24 22.05 17.35
C SER C 130 31.34 21.94 18.86
N ARG C 131 31.73 20.77 19.38
CA ARG C 131 31.96 20.64 20.82
C ARG C 131 33.09 21.53 21.29
N CYS C 132 33.99 21.93 20.39
CA CYS C 132 35.13 22.76 20.74
C CYS C 132 34.85 24.24 20.48
N ALA C 133 33.65 24.59 20.06
CA ALA C 133 33.27 26.00 19.98
C ALA C 133 33.40 26.66 21.35
N SER C 134 33.66 27.96 21.34
CA SER C 134 34.09 28.65 22.56
C SER C 134 33.02 28.66 23.65
N ALA C 135 31.74 28.61 23.27
CA ALA C 135 30.67 28.70 24.27
C ALA C 135 30.47 27.40 25.04
N VAL C 136 31.06 26.29 24.60
CA VAL C 136 30.61 24.97 25.04
C VAL C 136 31.06 24.67 26.47
N GLU C 137 32.37 24.76 26.72
CA GLU C 137 32.87 24.41 28.05
C GLU C 137 32.41 25.40 29.12
N PRO C 138 32.36 26.71 28.86
CA PRO C 138 31.73 27.60 29.84
C PRO C 138 30.28 27.25 30.13
N ALA C 139 29.50 26.93 29.09
CA ALA C 139 28.12 26.53 29.29
C ALA C 139 28.04 25.27 30.16
N ARG C 140 28.87 24.28 29.85
CA ARG C 140 28.84 23.02 30.59
C ARG C 140 29.19 23.24 32.06
N GLU C 141 30.20 24.07 32.34
CA GLU C 141 30.58 24.32 33.72
C GLU C 141 29.49 25.08 34.46
N TRP C 142 28.83 26.02 33.78
CA TRP C 142 27.75 26.78 34.41
C TRP C 142 26.57 25.88 34.73
N LEU C 143 26.23 24.96 33.83
CA LEU C 143 25.07 24.10 34.00
C LEU C 143 25.29 22.98 35.00
N ALA C 144 26.54 22.66 35.33
CA ALA C 144 26.82 21.47 36.13
C ALA C 144 26.32 21.62 37.57
N THR C 145 26.23 22.84 38.08
CA THR C 145 25.80 23.06 39.46
C THR C 145 24.40 23.66 39.56
N ARG C 146 23.57 23.50 38.53
CA ARG C 146 22.30 24.20 38.48
C ARG C 146 21.17 23.24 38.14
N ALA C 147 19.94 23.69 38.44
CA ALA C 147 18.75 22.88 38.26
C ALA C 147 18.14 23.19 36.90
N ILE C 148 18.30 22.26 35.96
CA ILE C 148 17.82 22.48 34.60
C ILE C 148 16.34 22.12 34.53
N ARG C 149 15.56 23.00 33.90
CA ARG C 149 14.12 22.80 33.75
C ARG C 149 13.74 22.28 32.38
N ALA C 150 14.24 22.91 31.31
CA ALA C 150 13.91 22.49 29.96
C ALA C 150 15.01 22.94 29.02
N VAL C 151 15.10 22.26 27.87
CA VAL C 151 16.07 22.60 26.84
C VAL C 151 15.35 22.66 25.51
N GLN C 152 15.59 23.73 24.75
CA GLN C 152 15.05 23.88 23.41
C GLN C 152 16.19 24.14 22.44
N VAL C 153 16.28 23.32 21.39
CA VAL C 153 17.22 23.52 20.30
C VAL C 153 16.44 23.98 19.08
N ARG C 154 16.90 25.05 18.45
CA ARG C 154 16.28 25.58 17.23
C ARG C 154 17.37 25.72 16.19
N TRP C 155 17.33 24.88 15.16
CA TRP C 155 18.28 24.88 14.06
C TRP C 155 17.50 25.10 12.78
N LYS C 156 17.61 26.28 12.19
CA LYS C 156 16.82 26.61 11.00
C LYS C 156 17.65 27.46 10.05
N ALA C 157 17.82 26.97 8.82
CA ALA C 157 18.49 27.71 7.75
C ALA C 157 17.96 27.20 6.42
N ASP C 158 18.01 28.06 5.41
CA ASP C 158 17.54 27.69 4.08
C ASP C 158 18.60 26.89 3.35
N VAL C 159 18.29 25.64 3.00
CA VAL C 159 19.23 24.77 2.31
C VAL C 159 19.53 25.25 0.89
N ARG C 160 18.75 26.20 0.37
CA ARG C 160 19.11 26.81 -0.91
C ARG C 160 20.40 27.62 -0.79
N ARG C 161 20.50 28.42 0.26
CA ARG C 161 21.69 29.27 0.43
C ARG C 161 22.87 28.46 0.92
N TRP C 162 22.70 27.71 2.00
CA TRP C 162 23.74 26.84 2.54
C TRP C 162 23.60 25.44 1.94
N HIS C 163 24.71 24.90 1.42
CA HIS C 163 24.78 23.64 0.69
C HIS C 163 23.99 23.68 -0.61
N PRO C 164 24.35 24.57 -1.55
CA PRO C 164 23.62 24.61 -2.83
C PRO C 164 24.15 23.55 -3.79
N GLY C 165 23.22 22.77 -4.36
CA GLY C 165 23.57 21.75 -5.33
C GLY C 165 24.04 20.43 -4.76
N GLN C 166 24.40 20.37 -3.47
CA GLN C 166 24.88 19.13 -2.88
C GLN C 166 23.79 18.06 -2.90
N GLN C 167 24.20 16.82 -3.14
CA GLN C 167 23.22 15.76 -3.39
C GLN C 167 23.37 14.53 -2.49
N TRP C 168 24.58 14.24 -2.00
CA TRP C 168 24.72 13.06 -1.16
C TRP C 168 24.02 13.23 0.19
N ILE C 169 23.71 14.47 0.57
CA ILE C 169 22.90 14.71 1.76
C ILE C 169 21.47 14.23 1.59
N TRP C 170 21.03 14.00 0.35
CA TRP C 170 19.67 13.53 0.08
C TRP C 170 19.60 12.05 -0.20
N GLU C 171 20.73 11.34 -0.26
CA GLU C 171 20.76 9.92 -0.52
C GLU C 171 20.56 9.14 0.77
N PRO C 172 20.17 7.86 0.68
CA PRO C 172 20.04 7.05 1.89
C PRO C 172 21.32 7.04 2.70
N GLY C 173 21.20 7.38 4.00
CA GLY C 173 22.34 7.48 4.87
C GLY C 173 22.98 8.85 4.93
N GLY C 174 22.53 9.80 4.12
CA GLY C 174 23.09 11.13 4.07
C GLY C 174 22.63 12.10 5.14
N LEU C 175 21.77 11.65 6.05
CA LEU C 175 21.33 12.40 7.24
C LEU C 175 20.38 13.55 6.94
N GLY C 176 20.49 14.15 5.75
CA GLY C 176 19.62 15.28 5.44
C GLY C 176 19.90 16.45 6.36
N VAL C 177 18.84 17.01 6.95
CA VAL C 177 18.98 18.15 7.85
C VAL C 177 19.76 17.76 9.10
N PHE C 178 19.90 16.47 9.39
CA PHE C 178 20.72 16.05 10.52
C PHE C 178 22.21 16.17 10.23
N ASP C 179 22.61 16.36 8.97
CA ASP C 179 24.02 16.54 8.66
C ASP C 179 24.61 17.75 9.38
N PRO C 180 23.99 18.93 9.36
CA PRO C 180 24.45 20.00 10.26
C PRO C 180 23.77 19.93 11.61
N GLY C 181 22.57 19.33 11.64
CA GLY C 181 21.84 19.24 12.89
C GLY C 181 22.54 18.43 13.96
N ILE C 182 23.36 17.44 13.54
CA ILE C 182 24.08 16.64 14.51
C ILE C 182 25.14 17.45 15.25
N ASN C 183 25.56 18.59 14.69
CA ASN C 183 26.50 19.46 15.40
C ASN C 183 25.86 20.04 16.66
N ALA C 184 24.62 20.50 16.55
CA ALA C 184 23.90 20.98 17.72
C ALA C 184 23.75 19.87 18.75
N LEU C 185 23.46 18.64 18.29
CA LEU C 185 23.31 17.53 19.21
C LEU C 185 24.62 17.17 19.89
N SER C 186 25.75 17.36 19.22
CA SER C 186 27.03 17.12 19.89
C SER C 186 27.28 18.13 20.99
N ILE C 187 26.84 19.37 20.80
CA ILE C 187 26.95 20.37 21.86
C ILE C 187 26.02 20.02 23.01
N VAL C 188 24.78 19.66 22.69
CA VAL C 188 23.77 19.39 23.72
C VAL C 188 24.25 18.27 24.65
N THR C 189 24.74 17.17 24.07
CA THR C 189 25.18 16.04 24.87
C THR C 189 26.45 16.33 25.64
N ARG C 190 27.20 17.37 25.26
CA ARG C 190 28.39 17.75 25.99
C ARG C 190 28.09 18.66 27.18
N ILE C 191 27.17 19.62 27.01
CA ILE C 191 26.90 20.58 28.07
C ILE C 191 25.92 20.01 29.10
N LEU C 192 25.06 19.06 28.70
CA LEU C 192 24.07 18.58 29.65
C LEU C 192 24.66 17.50 30.54
N PRO C 193 24.29 17.47 31.83
CA PRO C 193 24.92 16.53 32.75
C PRO C 193 24.41 15.10 32.66
N ARG C 194 23.26 14.86 32.03
CA ARG C 194 22.63 13.54 32.06
C ARG C 194 22.26 13.09 30.66
N GLU C 195 22.15 11.76 30.51
CA GLU C 195 21.88 11.14 29.22
C GLU C 195 20.49 11.49 28.71
N LEU C 196 20.35 11.51 27.39
CA LEU C 196 19.07 11.78 26.74
C LEU C 196 18.45 10.47 26.27
N VAL C 197 17.12 10.40 26.35
CA VAL C 197 16.37 9.29 25.77
C VAL C 197 15.32 9.88 24.84
N LEU C 198 15.31 9.43 23.59
CA LEU C 198 14.32 9.90 22.63
C LEU C 198 12.95 9.32 22.98
N ARG C 199 11.97 10.20 23.14
CA ARG C 199 10.61 9.79 23.44
C ARG C 199 9.67 9.92 22.24
N GLU C 200 10.01 10.76 21.27
CA GLU C 200 9.17 11.00 20.10
C GLU C 200 10.01 11.77 19.09
N ALA C 201 9.80 11.46 17.81
CA ALA C 201 10.44 12.22 16.75
C ALA C 201 9.56 12.22 15.50
N THR C 202 9.70 13.28 14.71
CA THR C 202 9.01 13.42 13.44
C THR C 202 10.02 13.85 12.38
N LEU C 203 10.13 13.08 11.30
CA LEU C 203 10.97 13.43 10.17
C LEU C 203 10.08 13.83 9.00
N ILE C 204 10.35 14.99 8.42
CA ILE C 204 9.62 15.49 7.26
C ILE C 204 10.49 15.26 6.04
N VAL C 205 10.03 14.42 5.11
CA VAL C 205 10.83 13.94 4.00
C VAL C 205 10.18 14.37 2.69
N PRO C 206 10.81 15.23 1.89
CA PRO C 206 10.30 15.49 0.54
C PRO C 206 10.21 14.21 -0.27
N SER C 207 9.21 14.16 -1.15
CA SER C 207 8.88 12.92 -1.84
C SER C 207 9.96 12.46 -2.80
N ASP C 208 10.90 13.33 -3.17
CA ASP C 208 11.93 12.99 -4.14
C ASP C 208 13.30 12.75 -3.52
N VAL C 209 13.41 12.76 -2.19
CA VAL C 209 14.67 12.54 -1.49
C VAL C 209 14.48 11.43 -0.46
N GLN C 210 15.60 11.01 0.13
CA GLN C 210 15.63 9.89 1.05
C GLN C 210 16.03 10.28 2.47
N THR C 211 16.07 11.58 2.78
CA THR C 211 16.47 12.06 4.08
C THR C 211 15.56 13.24 4.46
N PRO C 212 15.43 13.53 5.75
CA PRO C 212 14.50 14.59 6.15
C PRO C 212 15.02 15.98 5.83
N ILE C 213 14.12 16.85 5.38
CA ILE C 213 14.43 18.26 5.25
C ILE C 213 14.14 19.01 6.55
N ALA C 214 13.33 18.44 7.43
CA ALA C 214 13.04 19.01 8.72
C ALA C 214 12.78 17.89 9.70
N ALA C 215 13.04 18.16 10.98
CA ALA C 215 12.88 17.12 11.98
C ALA C 215 12.59 17.76 13.33
N GLU C 216 11.81 17.05 14.13
CA GLU C 216 11.53 17.44 15.51
C GLU C 216 11.88 16.28 16.42
N LEU C 217 12.68 16.54 17.44
CA LEU C 217 13.05 15.55 18.44
C LEU C 217 12.46 15.95 19.78
N ASP C 218 11.80 15.01 20.45
CA ASP C 218 11.30 15.20 21.80
C ASP C 218 12.00 14.18 22.69
N CYS C 219 12.92 14.67 23.52
CA CYS C 219 13.69 13.81 24.41
C CYS C 219 13.43 14.17 25.86
N ALA C 220 13.84 13.28 26.75
CA ALA C 220 13.88 13.55 28.17
C ALA C 220 15.20 13.02 28.69
N ASP C 221 15.84 13.77 29.58
CA ASP C 221 17.04 13.24 30.19
C ASP C 221 16.64 12.30 31.32
N THR C 222 17.62 11.68 31.98
CA THR C 222 17.29 10.66 32.96
C THR C 222 16.65 11.23 34.22
N ASP C 223 16.59 12.55 34.36
CA ASP C 223 15.84 13.19 35.44
C ASP C 223 14.47 13.65 34.98
N GLY C 224 14.09 13.39 33.73
CA GLY C 224 12.83 13.85 33.22
C GLY C 224 12.83 15.23 32.62
N VAL C 225 13.99 15.88 32.51
CA VAL C 225 14.10 17.20 31.89
C VAL C 225 13.79 17.07 30.40
N PRO C 226 12.76 17.76 29.89
CA PRO C 226 12.46 17.69 28.46
C PRO C 226 13.52 18.41 27.64
N VAL C 227 14.04 17.73 26.63
CA VAL C 227 15.00 18.29 25.70
C VAL C 227 14.39 18.19 24.31
N ARG C 228 13.99 19.33 23.76
CA ARG C 228 13.29 19.37 22.49
C ARG C 228 14.16 20.07 21.46
N ALA C 229 14.17 19.52 20.25
CA ALA C 229 15.02 20.04 19.20
C ALA C 229 14.23 20.16 17.92
N GLU C 230 14.48 21.24 17.20
CA GLU C 230 13.79 21.50 15.95
C GLU C 230 14.80 21.85 14.88
N PHE C 231 14.81 21.04 13.82
CA PHE C 231 15.69 21.25 12.68
C PHE C 231 14.83 21.48 11.44
N ASP C 232 15.18 22.49 10.66
CA ASP C 232 14.40 22.81 9.46
C ASP C 232 15.30 23.41 8.41
N TRP C 233 15.37 22.76 7.25
CA TRP C 233 16.15 23.22 6.11
C TRP C 233 15.31 23.99 5.09
N ARG C 234 14.00 24.13 5.32
CA ARG C 234 13.13 24.78 4.37
C ARG C 234 13.25 26.30 4.48
N HIS C 235 12.70 26.99 3.50
CA HIS C 235 12.69 28.45 3.53
C HIS C 235 11.73 28.93 4.60
N GLY C 236 12.23 29.72 5.55
CA GLY C 236 11.44 30.21 6.65
C GLY C 236 11.79 31.63 7.02
N PRO C 237 11.00 32.22 7.94
CA PRO C 237 11.20 33.64 8.26
C PRO C 237 12.38 33.92 9.17
N VAL C 238 13.04 32.92 9.75
CA VAL C 238 14.14 33.15 10.68
C VAL C 238 15.24 32.11 10.44
N GLU C 239 16.44 32.58 10.11
CA GLU C 239 17.64 31.75 10.19
C GLU C 239 18.13 31.74 11.64
N GLN C 240 18.55 30.57 12.11
CA GLN C 240 18.62 30.39 13.55
C GLN C 240 19.47 29.19 13.91
N TRP C 241 20.32 29.36 14.92
CA TRP C 241 21.15 28.27 15.45
C TRP C 241 21.26 28.53 16.95
N GLU C 242 20.41 27.88 17.75
CA GLU C 242 20.32 28.23 19.15
C GLU C 242 20.03 27.02 20.02
N ILE C 243 20.77 26.92 21.13
CA ILE C 243 20.47 25.98 22.20
C ILE C 243 20.15 26.80 23.45
N ALA C 244 18.93 26.68 23.95
CA ALA C 244 18.48 27.42 25.12
C ALA C 244 18.22 26.45 26.26
N VAL C 245 18.84 26.69 27.41
CA VAL C 245 18.71 25.84 28.58
C VAL C 245 18.12 26.68 29.71
N ASP C 246 16.85 26.43 30.04
CA ASP C 246 16.21 27.16 31.12
C ASP C 246 16.55 26.49 32.46
N THR C 247 16.99 27.30 33.43
CA THR C 247 17.35 26.83 34.76
C THR C 247 16.62 27.67 35.80
N ALA C 248 16.82 27.32 37.07
CA ALA C 248 16.29 28.12 38.16
C ALA C 248 16.98 29.48 38.25
N ASP C 249 18.14 29.63 37.61
CA ASP C 249 18.89 30.87 37.61
C ASP C 249 18.72 31.66 36.31
N GLY C 250 17.82 31.23 35.43
CA GLY C 250 17.60 31.90 34.17
C GLY C 250 18.05 31.05 33.00
N VAL C 251 17.93 31.63 31.81
CA VAL C 251 18.14 30.93 30.55
C VAL C 251 19.58 31.08 30.11
N LEU C 252 20.26 29.95 29.90
CA LEU C 252 21.53 29.93 29.20
C LEU C 252 21.26 29.69 27.72
N ALA C 253 21.77 30.57 26.86
CA ALA C 253 21.52 30.50 25.42
C ALA C 253 22.84 30.46 24.67
N ILE C 254 23.06 29.38 23.93
CA ILE C 254 24.17 29.27 22.99
C ILE C 254 23.62 29.55 21.60
N SER C 255 24.28 30.44 20.86
CA SER C 255 23.84 30.75 19.50
C SER C 255 25.06 30.81 18.58
N ARG C 256 24.79 31.02 17.29
CA ARG C 256 25.81 31.10 16.25
C ARG C 256 26.73 29.89 16.27
N GLY C 257 26.12 28.71 16.30
CA GLY C 257 26.87 27.47 16.23
C GLY C 257 27.83 27.25 17.39
N GLY C 258 27.61 27.91 18.52
CA GLY C 258 28.52 27.83 19.64
C GLY C 258 29.52 28.96 19.73
N ALA C 259 29.43 29.95 18.86
CA ALA C 259 30.33 31.10 18.89
C ALA C 259 29.84 32.22 19.80
N GLN C 260 28.66 32.08 20.40
CA GLN C 260 28.09 33.12 21.24
C GLN C 260 27.37 32.48 22.40
N LEU C 261 27.48 33.10 23.59
CA LEU C 261 26.87 32.58 24.79
C LEU C 261 26.28 33.73 25.59
N SER C 262 25.06 33.55 26.08
CA SER C 262 24.42 34.54 26.95
C SER C 262 23.77 33.81 28.12
N ILE C 263 23.75 34.48 29.27
CA ILE C 263 23.14 33.95 30.49
C ILE C 263 22.20 35.01 31.04
N ALA C 264 20.93 34.65 31.18
CA ALA C 264 19.88 35.59 31.59
C ALA C 264 19.82 36.81 30.68
N GLY C 265 20.13 36.61 29.41
CA GLY C 265 20.14 37.68 28.44
C GLY C 265 21.41 38.51 28.38
N GLU C 266 22.40 38.20 29.23
CA GLU C 266 23.63 39.00 29.25
C GLU C 266 24.75 38.25 28.55
N PRO C 267 25.42 38.87 27.58
CA PRO C 267 26.48 38.16 26.85
C PRO C 267 27.65 37.79 27.76
N VAL C 268 28.23 36.62 27.49
CA VAL C 268 29.40 36.12 28.21
C VAL C 268 30.61 36.28 27.30
N GLU C 269 31.68 36.87 27.83
CA GLU C 269 32.91 37.02 27.07
C GLU C 269 33.56 35.65 26.86
N LEU C 270 33.81 35.33 25.59
CA LEU C 270 34.40 34.06 25.21
C LEU C 270 35.74 34.28 24.51
N GLY C 271 36.62 33.29 24.61
CA GLY C 271 37.85 33.29 23.85
C GLY C 271 37.59 33.11 22.38
N PRO C 272 38.61 33.36 21.55
CA PRO C 272 38.43 33.25 20.11
C PRO C 272 38.16 31.81 19.68
N GLU C 273 37.50 31.68 18.53
CA GLU C 273 37.17 30.37 17.98
C GLU C 273 38.46 29.66 17.55
N ARG C 274 38.65 28.44 18.05
CA ARG C 274 39.81 27.62 17.71
C ARG C 274 39.39 26.14 17.78
N GLU C 275 38.35 25.78 17.03
CA GLU C 275 37.79 24.44 17.14
C GLU C 275 38.80 23.38 16.74
N TYR C 276 39.38 23.49 15.56
CA TYR C 276 40.26 22.44 15.08
C TYR C 276 41.64 22.46 15.77
N PRO C 277 42.21 23.63 16.10
CA PRO C 277 43.37 23.61 17.00
C PRO C 277 43.12 22.83 18.28
N ALA C 278 41.94 22.99 18.89
CA ALA C 278 41.61 22.25 20.10
C ALA C 278 41.48 20.76 19.83
N LEU C 279 40.85 20.39 18.70
CA LEU C 279 40.74 18.97 18.35
C LEU C 279 42.12 18.33 18.23
N TYR C 280 43.04 18.99 17.53
CA TYR C 280 44.35 18.39 17.32
C TYR C 280 45.18 18.38 18.60
N ALA C 281 45.03 19.40 19.45
CA ALA C 281 45.66 19.35 20.76
C ALA C 281 45.15 18.16 21.57
N HIS C 282 43.83 17.91 21.50
CA HIS C 282 43.26 16.79 22.23
C HIS C 282 43.68 15.45 21.63
N PHE C 283 43.75 15.38 20.29
CA PHE C 283 44.26 14.17 19.62
C PHE C 283 45.65 13.83 20.14
N HIS C 284 46.54 14.81 20.20
CA HIS C 284 47.89 14.58 20.70
C HIS C 284 47.87 14.09 22.14
N ALA C 285 47.10 14.78 23.00
CA ALA C 285 47.02 14.39 24.41
C ALA C 285 46.50 12.97 24.57
N LEU C 286 45.50 12.59 23.77
CA LEU C 286 45.02 11.21 23.78
C LEU C 286 46.13 10.24 23.39
N ILE C 287 46.91 10.57 22.36
CA ILE C 287 48.03 9.72 21.96
C ILE C 287 49.04 9.61 23.10
N ALA C 288 49.39 10.74 23.71
CA ALA C 288 50.37 10.75 24.78
C ALA C 288 49.91 9.90 25.96
N ARG C 289 48.64 10.00 26.33
CA ARG C 289 48.13 9.25 27.47
C ARG C 289 47.69 7.84 27.10
N GLY C 290 47.81 7.45 25.83
CA GLY C 290 47.40 6.12 25.42
C GLY C 290 45.91 5.89 25.52
N GLU C 291 45.12 6.92 25.23
CA GLU C 291 43.68 6.89 25.44
C GLU C 291 42.94 7.09 24.12
N SER C 292 41.66 6.71 24.12
CA SER C 292 40.76 6.91 23.00
C SER C 292 39.60 7.80 23.44
N ASP C 293 38.90 8.35 22.46
CA ASP C 293 37.77 9.25 22.73
C ASP C 293 36.76 9.05 21.59
N VAL C 294 35.84 8.12 21.79
CA VAL C 294 34.86 7.75 20.77
C VAL C 294 33.46 7.93 21.34
N ASP C 295 32.93 9.15 21.28
CA ASP C 295 31.58 9.44 21.75
C ASP C 295 30.64 9.37 20.55
N VAL C 296 29.86 8.29 20.48
CA VAL C 296 28.93 8.08 19.38
C VAL C 296 27.51 8.54 19.73
N ARG C 297 27.31 9.08 20.92
CA ARG C 297 25.96 9.46 21.35
C ARG C 297 25.26 10.43 20.41
N PRO C 298 25.89 11.45 19.84
CA PRO C 298 25.17 12.29 18.87
C PRO C 298 24.70 11.52 17.66
N LEU C 299 25.50 10.58 17.17
CA LEU C 299 25.07 9.77 16.03
C LEU C 299 24.01 8.76 16.45
N ARG C 300 24.14 8.19 17.65
CA ARG C 300 23.15 7.24 18.14
C ARG C 300 21.79 7.90 18.33
N LEU C 301 21.76 9.17 18.74
CA LEU C 301 20.50 9.88 18.88
C LEU C 301 19.86 10.10 17.51
N VAL C 302 20.67 10.38 16.48
CA VAL C 302 20.14 10.51 15.13
C VAL C 302 19.63 9.17 14.63
N ALA C 303 20.38 8.09 14.89
CA ALA C 303 19.91 6.77 14.53
C ALA C 303 18.58 6.45 15.19
N ASP C 304 18.44 6.82 16.47
CA ASP C 304 17.18 6.61 17.17
C ASP C 304 16.05 7.40 16.51
N ALA C 305 16.36 8.60 16.02
CA ALA C 305 15.34 9.40 15.35
C ALA C 305 14.88 8.73 14.05
N PHE C 306 15.82 8.16 13.29
CA PHE C 306 15.45 7.44 12.08
C PHE C 306 14.73 6.14 12.39
N LEU C 307 15.11 5.48 13.48
CA LEU C 307 14.49 4.21 13.85
C LEU C 307 13.10 4.41 14.46
N PHE C 308 12.97 5.36 15.37
CA PHE C 308 11.77 5.55 16.17
C PHE C 308 10.85 6.64 15.64
N GLY C 309 11.33 7.48 14.74
CA GLY C 309 10.58 8.67 14.36
C GLY C 309 9.46 8.38 13.37
N ARG C 310 8.38 9.14 13.51
CA ARG C 310 7.31 9.14 12.53
C ARG C 310 7.77 9.84 11.26
N ARG C 311 7.45 9.28 10.11
CA ARG C 311 7.80 9.86 8.82
C ARG C 311 6.59 10.60 8.25
N VAL C 312 6.80 11.84 7.82
CA VAL C 312 5.78 12.63 7.15
C VAL C 312 6.33 13.00 5.77
N GLN C 313 5.63 12.58 4.72
CA GLN C 313 6.04 12.93 3.36
C GLN C 313 5.49 14.30 3.01
N THR C 314 6.33 15.11 2.36
CA THR C 314 5.95 16.47 1.97
C THR C 314 6.27 16.65 0.48
N ASP C 315 5.99 17.85 -0.01
CA ASP C 315 6.12 18.14 -1.43
C ASP C 315 7.57 17.98 -1.89
N ALA C 316 7.73 17.70 -3.18
CA ALA C 316 9.06 17.44 -3.75
C ALA C 316 9.97 18.64 -3.54
N PHE C 317 11.25 18.35 -3.27
CA PHE C 317 12.23 19.40 -3.04
C PHE C 317 12.71 19.99 -4.36
N GLY C 318 13.09 19.15 -5.30
CA GLY C 318 13.62 19.60 -6.57
C GLY C 318 15.13 19.80 -6.51
N GLN D 14 13.70 -19.38 46.33
CA GLN D 14 12.97 -18.99 45.13
C GLN D 14 13.01 -17.48 44.92
N VAL D 15 13.10 -17.08 43.65
CA VAL D 15 13.09 -15.67 43.28
C VAL D 15 11.65 -15.25 43.02
N SER D 16 11.17 -14.26 43.77
CA SER D 16 9.82 -13.75 43.60
C SER D 16 9.73 -12.93 42.32
N LEU D 17 8.72 -13.20 41.50
CA LEU D 17 8.67 -12.66 40.15
C LEU D 17 7.29 -12.05 39.85
N GLY D 18 7.31 -10.92 39.16
CA GLY D 18 6.11 -10.33 38.61
C GLY D 18 6.19 -10.24 37.10
N VAL D 19 5.03 -10.28 36.45
CA VAL D 19 4.94 -10.25 34.99
C VAL D 19 4.01 -9.12 34.59
N VAL D 20 4.45 -8.29 33.64
CA VAL D 20 3.71 -7.11 33.20
C VAL D 20 3.26 -7.31 31.76
N GLY D 21 1.98 -7.08 31.50
CA GLY D 21 1.43 -7.18 30.16
C GLY D 21 1.03 -8.60 29.81
N ILE D 22 -0.13 -9.02 30.28
CA ILE D 22 -0.56 -10.43 30.13
C ILE D 22 -1.35 -10.51 28.84
N GLY D 23 -0.62 -10.57 27.73
CA GLY D 23 -1.23 -10.71 26.42
C GLY D 23 -0.88 -12.02 25.74
N LYS D 24 -0.62 -11.96 24.44
CA LYS D 24 -0.43 -13.18 23.64
C LYS D 24 0.75 -14.00 24.15
N ILE D 25 1.94 -13.40 24.16
CA ILE D 25 3.13 -14.18 24.49
C ILE D 25 3.16 -14.54 25.97
N ALA D 26 2.57 -13.71 26.83
CA ALA D 26 2.56 -14.00 28.25
C ALA D 26 1.78 -15.29 28.53
N ARG D 27 0.61 -15.44 27.92
CA ARG D 27 -0.19 -16.65 28.12
C ARG D 27 0.45 -17.86 27.46
N ASP D 28 0.96 -17.69 26.22
CA ASP D 28 1.41 -18.85 25.46
C ASP D 28 2.73 -19.39 25.98
N GLN D 29 3.66 -18.50 26.34
CA GLN D 29 5.03 -18.93 26.64
C GLN D 29 5.50 -18.56 28.03
N HIS D 30 5.27 -17.32 28.47
CA HIS D 30 5.88 -16.85 29.71
C HIS D 30 5.32 -17.56 30.93
N LEU D 31 4.00 -17.52 31.11
CA LEU D 31 3.39 -18.16 32.28
C LEU D 31 3.65 -19.66 32.35
N PRO D 32 3.54 -20.45 31.27
CA PRO D 32 3.90 -21.87 31.39
C PRO D 32 5.36 -22.09 31.74
N ALA D 33 6.26 -21.28 31.18
CA ALA D 33 7.69 -21.44 31.48
C ALA D 33 7.99 -21.10 32.94
N ILE D 34 7.41 -20.00 33.43
CA ILE D 34 7.59 -19.62 34.83
C ILE D 34 7.07 -20.74 35.74
N ASP D 35 5.88 -21.27 35.43
CA ASP D 35 5.28 -22.29 36.27
C ASP D 35 6.14 -23.54 36.38
N ALA D 36 6.88 -23.88 35.32
CA ALA D 36 7.73 -25.06 35.31
C ALA D 36 9.15 -24.77 35.77
N GLU D 37 9.47 -23.51 36.08
CA GLU D 37 10.81 -23.17 36.55
C GLU D 37 10.81 -23.06 38.07
N PRO D 38 11.36 -24.04 38.79
CA PRO D 38 11.30 -23.97 40.27
C PRO D 38 12.09 -22.83 40.87
N GLY D 39 13.02 -22.22 40.12
CA GLY D 39 13.78 -21.10 40.66
C GLY D 39 12.96 -19.86 40.88
N PHE D 40 11.77 -19.78 40.29
CA PHE D 40 10.92 -18.60 40.41
C PHE D 40 9.61 -18.94 41.08
N LYS D 41 9.05 -17.91 41.72
CA LYS D 41 7.72 -17.94 42.28
C LYS D 41 6.92 -16.79 41.68
N LEU D 42 5.93 -17.13 40.84
CA LEU D 42 5.05 -16.11 40.30
C LEU D 42 4.22 -15.52 41.44
N THR D 43 4.46 -14.25 41.75
CA THR D 43 3.84 -13.58 42.88
C THR D 43 2.74 -12.61 42.48
N ALA D 44 2.96 -11.81 41.44
CA ALA D 44 1.99 -10.82 41.02
C ALA D 44 2.07 -10.67 39.51
N CYS D 45 0.98 -10.16 38.93
CA CYS D 45 0.94 -9.77 37.54
C CYS D 45 0.23 -8.43 37.42
N ALA D 46 0.66 -7.65 36.44
CA ALA D 46 0.04 -6.37 36.13
C ALA D 46 -0.47 -6.40 34.70
N SER D 47 -1.73 -6.04 34.51
CA SER D 47 -2.34 -5.97 33.20
C SER D 47 -3.61 -5.15 33.29
N ARG D 48 -3.85 -4.29 32.31
CA ARG D 48 -5.00 -3.40 32.38
C ARG D 48 -6.31 -4.14 32.10
N HIS D 49 -6.28 -5.16 31.25
CA HIS D 49 -7.50 -5.85 30.83
C HIS D 49 -7.38 -7.37 31.00
N ALA D 50 -6.66 -7.83 32.02
CA ALA D 50 -6.51 -9.27 32.21
C ALA D 50 -6.07 -9.55 33.64
N GLU D 51 -6.31 -10.79 34.08
CA GLU D 51 -5.97 -11.23 35.42
C GLU D 51 -5.49 -12.68 35.35
N VAL D 52 -4.55 -13.01 36.23
CA VAL D 52 -3.94 -14.34 36.29
C VAL D 52 -4.41 -15.01 37.58
N THR D 53 -5.02 -16.19 37.43
CA THR D 53 -5.57 -16.89 38.58
C THR D 53 -4.45 -17.41 39.49
N GLY D 54 -4.68 -17.33 40.80
CA GLY D 54 -3.74 -17.88 41.76
C GLY D 54 -2.65 -16.94 42.24
N VAL D 55 -2.60 -15.71 41.73
CA VAL D 55 -1.61 -14.73 42.16
C VAL D 55 -2.32 -13.39 42.35
N ARG D 56 -1.59 -12.43 42.91
CA ARG D 56 -2.13 -11.09 43.08
C ARG D 56 -2.09 -10.33 41.77
N ASN D 57 -3.10 -9.49 41.55
CA ASN D 57 -3.26 -8.82 40.26
C ASN D 57 -3.39 -7.32 40.43
N TYR D 58 -2.80 -6.58 39.50
CA TYR D 58 -2.83 -5.13 39.50
C TYR D 58 -3.14 -4.66 38.09
N ARG D 59 -3.71 -3.45 37.99
CA ARG D 59 -4.01 -2.89 36.68
C ARG D 59 -2.77 -2.33 36.00
N ASP D 60 -1.76 -1.94 36.78
CA ASP D 60 -0.59 -1.30 36.21
C ASP D 60 0.63 -1.64 37.06
N LEU D 61 1.81 -1.46 36.46
CA LEU D 61 3.06 -1.80 37.14
C LEU D 61 3.30 -0.88 38.33
N ARG D 62 2.92 0.40 38.21
CA ARG D 62 3.10 1.31 39.34
C ARG D 62 2.39 0.77 40.59
N ALA D 63 1.13 0.36 40.45
CA ALA D 63 0.41 -0.20 41.60
C ALA D 63 1.08 -1.46 42.11
N LEU D 64 1.55 -2.33 41.21
CA LEU D 64 2.21 -3.56 41.62
C LEU D 64 3.47 -3.27 42.44
N LEU D 65 4.27 -2.28 42.01
CA LEU D 65 5.52 -2.00 42.70
C LEU D 65 5.27 -1.37 44.06
N ALA D 66 4.27 -0.51 44.19
CA ALA D 66 3.96 0.08 45.49
C ALA D 66 3.63 -1.00 46.51
N ALA D 67 2.95 -2.05 46.08
CA ALA D 67 2.41 -3.05 46.99
C ALA D 67 3.35 -4.23 47.23
N GLU D 68 4.11 -4.64 46.21
CA GLU D 68 4.97 -5.82 46.29
C GLU D 68 6.40 -5.37 46.61
N ARG D 69 6.61 -5.01 47.88
CA ARG D 69 7.91 -4.49 48.29
C ARG D 69 8.96 -5.61 48.38
N GLU D 70 8.54 -6.83 48.67
CA GLU D 70 9.47 -7.96 48.76
C GLU D 70 9.66 -8.66 47.41
N LEU D 71 9.01 -8.19 46.36
CA LEU D 71 9.20 -8.79 45.04
C LEU D 71 10.65 -8.62 44.59
N ASP D 72 11.20 -9.67 43.98
CA ASP D 72 12.60 -9.67 43.58
C ASP D 72 12.81 -9.22 42.13
N ALA D 73 11.93 -9.63 41.23
CA ALA D 73 12.21 -9.46 39.81
C ALA D 73 10.91 -9.22 39.04
N VAL D 74 11.05 -8.59 37.87
CA VAL D 74 9.94 -8.26 36.99
C VAL D 74 10.29 -8.70 35.58
N SER D 75 9.33 -9.33 34.89
CA SER D 75 9.44 -9.71 33.50
C SER D 75 8.44 -8.90 32.68
N LEU D 76 8.92 -8.27 31.61
CA LEU D 76 8.10 -7.36 30.81
C LEU D 76 7.70 -8.03 29.51
N CYS D 77 6.39 -8.08 29.24
CA CYS D 77 5.85 -8.72 28.05
C CYS D 77 4.91 -7.79 27.28
N ALA D 78 4.94 -6.50 27.58
CA ALA D 78 4.13 -5.51 26.90
C ALA D 78 4.81 -5.16 25.57
N PRO D 79 4.18 -4.33 24.73
CA PRO D 79 4.85 -3.88 23.49
C PRO D 79 6.10 -3.10 23.80
N PRO D 80 7.05 -3.02 22.85
CA PRO D 80 8.33 -2.35 23.14
C PRO D 80 8.21 -0.85 23.34
N GLN D 81 7.12 -0.21 22.92
CA GLN D 81 7.01 1.23 23.04
C GLN D 81 6.82 1.69 24.49
N VAL D 82 6.40 0.80 25.38
CA VAL D 82 6.30 1.11 26.80
C VAL D 82 7.36 0.37 27.62
N ARG D 83 8.29 -0.30 26.94
CA ARG D 83 9.32 -1.07 27.63
C ARG D 83 10.19 -0.19 28.52
N TYR D 84 10.57 1.00 28.03
CA TYR D 84 11.50 1.83 28.78
C TYR D 84 10.88 2.34 30.08
N ALA D 85 9.69 2.93 29.99
CA ALA D 85 9.05 3.46 31.19
C ALA D 85 8.81 2.37 32.22
N GLN D 86 8.38 1.19 31.78
CA GLN D 86 8.15 0.08 32.70
C GLN D 86 9.46 -0.42 33.30
N ALA D 87 10.47 -0.67 32.46
CA ALA D 87 11.72 -1.17 32.97
C ALA D 87 12.38 -0.19 33.92
N ARG D 88 12.37 1.10 33.57
CA ARG D 88 12.93 2.11 34.46
C ARG D 88 12.23 2.09 35.80
N ALA D 89 10.89 2.07 35.80
CA ALA D 89 10.15 2.05 37.06
C ALA D 89 10.51 0.84 37.90
N ALA D 90 10.70 -0.32 37.27
CA ALA D 90 11.03 -1.53 38.02
C ALA D 90 12.46 -1.45 38.58
N LEU D 91 13.40 -0.91 37.79
CA LEU D 91 14.77 -0.79 38.25
C LEU D 91 14.87 0.19 39.42
N GLU D 92 14.13 1.30 39.36
CA GLU D 92 14.17 2.26 40.45
C GLU D 92 13.58 1.69 41.74
N ALA D 93 12.65 0.74 41.62
CA ALA D 93 12.10 0.07 42.80
C ALA D 93 12.96 -1.09 43.28
N GLY D 94 14.12 -1.30 42.68
CA GLY D 94 15.04 -2.33 43.15
C GLY D 94 14.75 -3.73 42.67
N LYS D 95 14.15 -3.89 41.49
CA LYS D 95 13.82 -5.19 40.94
C LYS D 95 14.74 -5.54 39.79
N HIS D 96 15.15 -6.81 39.73
CA HIS D 96 15.72 -7.34 38.51
C HIS D 96 14.68 -7.30 37.41
N VAL D 97 15.13 -7.10 36.17
CA VAL D 97 14.23 -6.84 35.04
C VAL D 97 14.60 -7.73 33.87
N MET D 98 13.62 -8.47 33.36
CA MET D 98 13.74 -9.26 32.14
C MET D 98 12.93 -8.59 31.05
N LEU D 99 13.53 -8.37 29.88
CA LEU D 99 12.92 -7.64 28.78
C LEU D 99 12.58 -8.58 27.63
N GLU D 100 11.35 -8.49 27.14
CA GLU D 100 11.04 -9.14 25.88
C GLU D 100 11.81 -8.47 24.74
N LYS D 101 11.87 -9.13 23.61
CA LYS D 101 12.52 -8.44 22.51
C LYS D 101 11.50 -7.64 21.71
N PRO D 102 11.93 -6.52 21.08
CA PRO D 102 13.26 -5.92 21.20
C PRO D 102 13.39 -5.22 22.56
N PRO D 103 14.63 -5.07 23.05
CA PRO D 103 14.80 -4.50 24.41
C PRO D 103 14.30 -3.07 24.53
N GLY D 104 14.04 -2.38 23.44
CA GLY D 104 13.54 -1.02 23.52
C GLY D 104 13.09 -0.54 22.15
N ALA D 105 12.45 0.63 22.16
CA ALA D 105 12.10 1.29 20.91
C ALA D 105 13.26 2.10 20.34
N THR D 106 14.27 2.40 21.18
CA THR D 106 15.47 3.11 20.74
C THR D 106 16.68 2.47 21.40
N LEU D 107 17.86 2.80 20.87
CA LEU D 107 19.10 2.34 21.49
C LEU D 107 19.43 3.12 22.75
N GLY D 108 19.18 4.43 22.75
CA GLY D 108 19.45 5.24 23.93
C GLY D 108 18.70 4.75 25.15
N GLU D 109 17.44 4.33 24.97
CA GLU D 109 16.67 3.70 26.03
C GLU D 109 17.48 2.63 26.74
N VAL D 110 17.99 1.67 25.96
CA VAL D 110 18.56 0.47 26.54
C VAL D 110 19.88 0.78 27.24
N ALA D 111 20.69 1.68 26.65
CA ALA D 111 21.92 2.10 27.32
C ALA D 111 21.61 2.70 28.68
N VAL D 112 20.58 3.55 28.75
CA VAL D 112 20.23 4.18 30.02
C VAL D 112 19.73 3.14 31.02
N LEU D 113 18.91 2.19 30.57
CA LEU D 113 18.46 1.12 31.45
C LEU D 113 19.64 0.29 31.95
N GLU D 114 20.59 -0.01 31.06
CA GLU D 114 21.75 -0.81 31.45
C GLU D 114 22.62 -0.08 32.46
N ALA D 115 22.80 1.24 32.29
CA ALA D 115 23.56 2.00 33.26
C ALA D 115 22.80 2.13 34.58
N LEU D 116 21.47 2.22 34.51
CA LEU D 116 20.68 2.28 35.73
C LEU D 116 20.74 0.97 36.50
N ALA D 117 20.69 -0.16 35.79
CA ALA D 117 20.80 -1.45 36.46
C ALA D 117 22.15 -1.61 37.14
N ARG D 118 23.23 -1.22 36.46
CA ARG D 118 24.57 -1.27 37.06
C ARG D 118 24.65 -0.35 38.27
N GLU D 119 24.02 0.82 38.18
CA GLU D 119 24.04 1.77 39.30
C GLU D 119 23.37 1.19 40.54
N ARG D 120 22.41 0.27 40.35
CA ARG D 120 21.68 -0.32 41.47
C ARG D 120 22.12 -1.76 41.76
N GLY D 121 23.06 -2.30 41.01
CA GLY D 121 23.47 -3.68 41.20
C GLY D 121 22.39 -4.68 40.87
N LEU D 122 21.61 -4.41 39.84
CA LEU D 122 20.45 -5.23 39.49
C LEU D 122 20.70 -5.93 38.16
N THR D 123 20.09 -7.11 38.02
CA THR D 123 20.16 -7.88 36.78
C THR D 123 19.20 -7.29 35.76
N LEU D 124 19.74 -6.88 34.62
CA LEU D 124 18.94 -6.51 33.45
C LEU D 124 19.22 -7.53 32.36
N PHE D 125 18.16 -8.12 31.81
CA PHE D 125 18.27 -9.21 30.85
C PHE D 125 17.45 -8.84 29.61
N ALA D 126 18.15 -8.51 28.53
CA ALA D 126 17.53 -8.30 27.23
C ALA D 126 17.43 -9.65 26.53
N THR D 127 16.23 -10.21 26.46
CA THR D 127 16.07 -11.55 25.92
C THR D 127 15.95 -11.55 24.41
N TRP D 128 16.35 -12.66 23.81
CA TRP D 128 16.19 -12.95 22.38
C TRP D 128 15.80 -14.42 22.35
N HIS D 129 14.48 -14.70 22.38
CA HIS D 129 14.03 -16.08 22.56
C HIS D 129 14.53 -16.99 21.44
N SER D 130 14.72 -16.45 20.23
CA SER D 130 15.19 -17.27 19.12
C SER D 130 16.62 -17.76 19.32
N ARG D 131 17.42 -17.05 20.12
CA ARG D 131 18.77 -17.53 20.43
C ARG D 131 18.74 -18.81 21.24
N CYS D 132 17.62 -19.13 21.87
CA CYS D 132 17.48 -20.33 22.67
C CYS D 132 16.87 -21.48 21.89
N ALA D 133 16.56 -21.28 20.62
CA ALA D 133 16.15 -22.37 19.75
C ALA D 133 17.24 -23.44 19.73
N SER D 134 16.82 -24.69 19.51
CA SER D 134 17.71 -25.82 19.72
C SER D 134 18.85 -25.88 18.71
N ALA D 135 18.69 -25.29 17.52
CA ALA D 135 19.73 -25.36 16.50
C ALA D 135 20.84 -24.33 16.70
N VAL D 136 20.67 -23.38 17.62
CA VAL D 136 21.53 -22.21 17.66
C VAL D 136 22.92 -22.55 18.21
N GLU D 137 22.97 -23.24 19.34
CA GLU D 137 24.26 -23.52 19.96
C GLU D 137 25.05 -24.56 19.17
N PRO D 138 24.44 -25.65 18.69
CA PRO D 138 25.20 -26.55 17.78
C PRO D 138 25.64 -25.88 16.50
N ALA D 139 24.86 -24.94 15.95
CA ALA D 139 25.31 -24.21 14.78
C ALA D 139 26.50 -23.32 15.12
N ARG D 140 26.46 -22.68 16.29
CA ARG D 140 27.57 -21.83 16.70
C ARG D 140 28.86 -22.65 16.89
N GLU D 141 28.75 -23.84 17.49
CA GLU D 141 29.93 -24.65 17.71
C GLU D 141 30.50 -25.17 16.40
N TRP D 142 29.64 -25.57 15.46
CA TRP D 142 30.11 -26.09 14.19
C TRP D 142 30.79 -25.01 13.37
N LEU D 143 30.27 -23.79 13.42
CA LEU D 143 30.82 -22.70 12.62
C LEU D 143 32.04 -22.04 13.25
N ALA D 144 32.34 -22.35 14.51
CA ALA D 144 33.41 -21.64 15.21
C ALA D 144 34.76 -21.85 14.54
N THR D 145 35.00 -23.04 13.97
CA THR D 145 36.31 -23.43 13.47
C THR D 145 36.33 -23.61 11.96
N ARG D 146 35.44 -22.94 11.23
CA ARG D 146 35.30 -23.20 9.81
C ARG D 146 35.34 -21.90 9.03
N ALA D 147 35.66 -22.04 7.73
CA ALA D 147 35.80 -20.91 6.83
C ALA D 147 34.43 -20.61 6.22
N ILE D 148 33.78 -19.56 6.71
CA ILE D 148 32.47 -19.17 6.22
C ILE D 148 32.64 -18.37 4.94
N ARG D 149 31.84 -18.70 3.93
CA ARG D 149 31.89 -17.99 2.65
C ARG D 149 30.79 -16.95 2.51
N ALA D 150 29.55 -17.30 2.86
CA ALA D 150 28.42 -16.40 2.68
C ALA D 150 27.30 -16.85 3.60
N VAL D 151 26.39 -15.91 3.89
CA VAL D 151 25.23 -16.14 4.74
C VAL D 151 24.00 -15.60 4.03
N GLN D 152 22.93 -16.38 4.00
CA GLN D 152 21.66 -15.93 3.43
C GLN D 152 20.56 -16.17 4.45
N VAL D 153 19.72 -15.15 4.66
CA VAL D 153 18.63 -15.18 5.62
C VAL D 153 17.32 -14.94 4.85
N ARG D 154 16.33 -15.79 5.11
CA ARG D 154 15.00 -15.66 4.55
C ARG D 154 13.99 -15.82 5.68
N TRP D 155 13.26 -14.75 5.98
CA TRP D 155 12.29 -14.69 7.08
C TRP D 155 11.01 -14.12 6.50
N LYS D 156 10.12 -15.00 6.04
CA LYS D 156 8.94 -14.56 5.28
C LYS D 156 7.70 -15.29 5.76
N ALA D 157 6.64 -14.53 6.04
CA ALA D 157 5.35 -15.06 6.45
C ALA D 157 4.31 -13.95 6.34
N ASP D 158 3.07 -14.34 6.07
CA ASP D 158 1.98 -13.39 5.93
C ASP D 158 1.62 -12.80 7.29
N VAL D 159 1.75 -11.48 7.44
CA VAL D 159 1.46 -10.84 8.71
C VAL D 159 -0.01 -11.00 9.08
N ARG D 160 -0.90 -11.04 8.09
CA ARG D 160 -2.32 -11.21 8.39
C ARG D 160 -2.61 -12.61 8.94
N ARG D 161 -1.84 -13.61 8.51
CA ARG D 161 -2.00 -14.95 9.07
C ARG D 161 -1.37 -15.06 10.46
N TRP D 162 -0.23 -14.40 10.67
CA TRP D 162 0.57 -14.62 11.87
C TRP D 162 0.38 -13.58 12.96
N HIS D 163 0.01 -12.34 12.60
CA HIS D 163 -0.26 -11.30 13.59
C HIS D 163 -1.57 -10.59 13.24
N PRO D 164 -2.69 -11.31 13.27
CA PRO D 164 -3.95 -10.73 12.77
C PRO D 164 -4.46 -9.65 13.70
N GLY D 165 -4.82 -8.51 13.12
CA GLY D 165 -5.37 -7.39 13.87
C GLY D 165 -4.40 -6.65 14.75
N GLN D 166 -3.14 -7.06 14.83
CA GLN D 166 -2.17 -6.37 15.67
C GLN D 166 -1.87 -5.00 15.09
N GLN D 167 -1.72 -4.01 15.98
CA GLN D 167 -1.58 -2.62 15.55
C GLN D 167 -0.29 -1.94 15.99
N TRP D 168 0.26 -2.27 17.16
CA TRP D 168 1.48 -1.58 17.59
C TRP D 168 2.68 -1.92 16.71
N ILE D 169 2.62 -3.03 15.96
CA ILE D 169 3.70 -3.35 15.05
C ILE D 169 3.80 -2.34 13.91
N TRP D 170 2.72 -1.60 13.63
CA TRP D 170 2.70 -0.60 12.57
C TRP D 170 2.97 0.81 13.06
N GLU D 171 3.05 1.01 14.38
CA GLU D 171 3.28 2.33 14.97
C GLU D 171 4.77 2.56 15.15
N PRO D 172 5.20 3.83 15.23
CA PRO D 172 6.61 4.10 15.49
C PRO D 172 7.13 3.33 16.69
N GLY D 173 8.31 2.75 16.54
CA GLY D 173 8.88 1.88 17.55
C GLY D 173 8.41 0.45 17.49
N GLY D 174 7.52 0.11 16.56
CA GLY D 174 7.00 -1.24 16.44
C GLY D 174 7.77 -2.17 15.53
N LEU D 175 8.72 -1.63 14.75
CA LEU D 175 9.66 -2.38 13.93
C LEU D 175 9.03 -2.99 12.67
N GLY D 176 7.72 -3.20 12.68
CA GLY D 176 7.10 -3.84 11.54
C GLY D 176 7.67 -5.23 11.33
N VAL D 177 8.07 -5.51 10.08
CA VAL D 177 8.60 -6.81 9.72
C VAL D 177 9.90 -7.12 10.44
N PHE D 178 10.57 -6.11 11.01
CA PHE D 178 11.74 -6.37 11.84
C PHE D 178 11.36 -6.89 13.22
N ASP D 179 10.08 -6.88 13.60
CA ASP D 179 9.69 -7.49 14.86
C ASP D 179 9.97 -9.00 14.85
N PRO D 180 9.58 -9.77 13.82
CA PRO D 180 10.09 -11.14 13.73
C PRO D 180 11.49 -11.18 13.13
N GLY D 181 11.78 -10.24 12.23
CA GLY D 181 13.05 -10.27 11.52
C GLY D 181 14.25 -10.12 12.44
N ILE D 182 14.09 -9.36 13.54
CA ILE D 182 15.20 -9.21 14.49
C ILE D 182 15.50 -10.51 15.21
N ASN D 183 14.56 -11.46 15.25
CA ASN D 183 14.87 -12.78 15.78
C ASN D 183 15.94 -13.46 14.94
N ALA D 184 15.79 -13.39 13.62
CA ALA D 184 16.80 -13.96 12.72
C ALA D 184 18.16 -13.30 12.96
N LEU D 185 18.17 -11.97 13.07
CA LEU D 185 19.43 -11.27 13.33
C LEU D 185 20.01 -11.64 14.68
N SER D 186 19.16 -12.01 15.64
CA SER D 186 19.67 -12.42 16.94
C SER D 186 20.31 -13.80 16.87
N ILE D 187 19.81 -14.68 16.02
CA ILE D 187 20.48 -15.96 15.78
C ILE D 187 21.79 -15.73 15.04
N VAL D 188 21.76 -14.90 14.00
CA VAL D 188 22.93 -14.67 13.17
C VAL D 188 24.07 -14.10 14.00
N THR D 189 23.78 -13.08 14.81
CA THR D 189 24.83 -12.46 15.62
C THR D 189 25.31 -13.38 16.74
N ARG D 190 24.59 -14.45 17.03
CA ARG D 190 25.02 -15.43 18.02
C ARG D 190 25.88 -16.53 17.40
N ILE D 191 25.56 -16.96 16.17
CA ILE D 191 26.29 -18.07 15.55
C ILE D 191 27.51 -17.62 14.76
N LEU D 192 27.60 -16.33 14.39
CA LEU D 192 28.76 -15.90 13.62
C LEU D 192 29.85 -15.39 14.55
N PRO D 193 31.11 -15.75 14.29
CA PRO D 193 32.20 -15.31 15.17
C PRO D 193 32.52 -13.83 15.07
N ARG D 194 32.23 -13.17 13.95
CA ARG D 194 32.65 -11.81 13.70
C ARG D 194 31.45 -10.87 13.62
N GLU D 195 31.69 -9.60 13.91
CA GLU D 195 30.63 -8.60 13.93
C GLU D 195 30.19 -8.24 12.52
N LEU D 196 28.95 -7.78 12.40
CA LEU D 196 28.37 -7.40 11.12
C LEU D 196 28.38 -5.88 10.95
N VAL D 197 28.58 -5.44 9.72
CA VAL D 197 28.47 -4.03 9.36
C VAL D 197 27.51 -3.92 8.18
N LEU D 198 26.53 -3.03 8.29
CA LEU D 198 25.57 -2.85 7.21
C LEU D 198 26.22 -2.08 6.06
N ARG D 199 25.98 -2.54 4.84
CA ARG D 199 26.44 -1.85 3.65
C ARG D 199 25.31 -1.25 2.82
N GLU D 200 24.13 -1.86 2.84
CA GLU D 200 22.99 -1.36 2.09
C GLU D 200 21.72 -1.99 2.67
N ALA D 201 20.63 -1.23 2.64
CA ALA D 201 19.35 -1.76 3.06
C ALA D 201 18.23 -1.08 2.27
N THR D 202 17.13 -1.81 2.11
CA THR D 202 15.92 -1.28 1.50
C THR D 202 14.74 -1.69 2.35
N LEU D 203 13.95 -0.71 2.79
CA LEU D 203 12.73 -0.97 3.56
C LEU D 203 11.53 -0.63 2.70
N ILE D 204 10.53 -1.50 2.69
CA ILE D 204 9.31 -1.31 1.93
C ILE D 204 8.18 -1.06 2.92
N VAL D 205 7.57 0.11 2.84
CA VAL D 205 6.68 0.62 3.87
C VAL D 205 5.30 0.89 3.26
N PRO D 206 4.25 0.23 3.74
CA PRO D 206 2.89 0.59 3.28
C PRO D 206 2.58 2.05 3.54
N SER D 207 1.91 2.68 2.57
CA SER D 207 1.68 4.11 2.61
C SER D 207 0.85 4.55 3.82
N ASP D 208 0.24 3.63 4.56
CA ASP D 208 -0.61 3.99 5.68
C ASP D 208 -0.08 3.49 7.03
N VAL D 209 1.18 3.05 7.10
CA VAL D 209 1.80 2.66 8.36
C VAL D 209 3.17 3.32 8.45
N GLN D 210 3.84 3.12 9.59
CA GLN D 210 5.09 3.78 9.89
C GLN D 210 6.28 2.84 10.00
N THR D 211 6.08 1.54 9.78
CA THR D 211 7.12 0.53 9.87
C THR D 211 7.08 -0.32 8.62
N PRO D 212 8.19 -0.96 8.25
CA PRO D 212 8.24 -1.68 6.98
C PRO D 212 7.49 -3.00 7.01
N ILE D 213 6.88 -3.33 5.87
CA ILE D 213 6.28 -4.65 5.68
C ILE D 213 7.25 -5.62 5.02
N ALA D 214 8.34 -5.12 4.42
CA ALA D 214 9.36 -5.95 3.84
C ALA D 214 10.67 -5.19 3.86
N ALA D 215 11.77 -5.92 3.89
CA ALA D 215 13.08 -5.29 3.97
C ALA D 215 14.14 -6.24 3.44
N GLU D 216 15.19 -5.66 2.86
CA GLU D 216 16.35 -6.41 2.40
C GLU D 216 17.59 -5.76 2.99
N LEU D 217 18.47 -6.57 3.57
CA LEU D 217 19.69 -6.10 4.20
C LEU D 217 20.89 -6.73 3.50
N ASP D 218 21.88 -5.90 3.17
CA ASP D 218 23.16 -6.36 2.64
C ASP D 218 24.24 -6.00 3.65
N CYS D 219 24.76 -7.00 4.35
CA CYS D 219 25.78 -6.80 5.36
C CYS D 219 27.05 -7.57 4.99
N ALA D 220 28.09 -7.31 5.77
CA ALA D 220 29.34 -8.06 5.68
C ALA D 220 29.95 -8.14 7.07
N ASP D 221 30.49 -9.31 7.41
CA ASP D 221 31.20 -9.42 8.67
C ASP D 221 32.58 -8.77 8.52
N THR D 222 33.35 -8.72 9.60
CA THR D 222 34.61 -7.99 9.55
C THR D 222 35.67 -8.69 8.71
N ASP D 223 35.43 -9.92 8.26
CA ASP D 223 36.30 -10.61 7.31
C ASP D 223 35.83 -10.46 5.88
N GLY D 224 34.79 -9.65 5.64
CA GLY D 224 34.22 -9.49 4.32
C GLY D 224 33.19 -10.51 3.93
N VAL D 225 32.80 -11.41 4.84
CA VAL D 225 31.81 -12.43 4.53
C VAL D 225 30.47 -11.76 4.29
N PRO D 226 29.87 -11.90 3.11
CA PRO D 226 28.57 -11.26 2.85
C PRO D 226 27.45 -11.94 3.63
N VAL D 227 26.56 -11.12 4.19
CA VAL D 227 25.38 -11.57 4.90
C VAL D 227 24.19 -10.84 4.30
N ARG D 228 23.34 -11.57 3.60
CA ARG D 228 22.16 -11.00 2.97
C ARG D 228 20.91 -11.52 3.67
N ALA D 229 20.00 -10.62 4.02
CA ALA D 229 18.78 -10.97 4.72
C ALA D 229 17.59 -10.41 3.96
N GLU D 230 16.56 -11.23 3.80
CA GLU D 230 15.31 -10.80 3.19
C GLU D 230 14.18 -11.07 4.18
N PHE D 231 13.47 -10.01 4.56
CA PHE D 231 12.31 -10.11 5.44
C PHE D 231 11.08 -9.70 4.65
N ASP D 232 10.02 -10.49 4.74
CA ASP D 232 8.80 -10.19 4.00
C ASP D 232 7.59 -10.59 4.82
N TRP D 233 6.70 -9.64 5.04
CA TRP D 233 5.41 -9.88 5.69
C TRP D 233 4.26 -9.91 4.71
N ARG D 234 4.51 -9.73 3.42
CA ARG D 234 3.46 -9.71 2.41
C ARG D 234 2.96 -11.13 2.11
N HIS D 235 1.85 -11.20 1.38
CA HIS D 235 1.11 -12.45 1.27
C HIS D 235 1.84 -13.48 0.40
N GLY D 236 2.46 -13.04 -0.68
CA GLY D 236 2.96 -13.92 -1.73
C GLY D 236 3.85 -15.09 -1.34
N PRO D 237 4.99 -14.82 -0.73
CA PRO D 237 6.08 -15.82 -0.70
C PRO D 237 5.73 -17.07 0.12
N VAL D 238 6.48 -18.14 -0.18
CA VAL D 238 6.46 -19.34 0.64
C VAL D 238 6.93 -19.00 2.05
N GLU D 239 6.26 -19.55 3.06
CA GLU D 239 6.65 -19.31 4.44
C GLU D 239 7.97 -20.01 4.74
N GLN D 240 8.94 -19.24 5.25
CA GLN D 240 10.26 -19.76 5.54
C GLN D 240 10.90 -18.90 6.61
N TRP D 241 11.60 -19.54 7.54
CA TRP D 241 12.41 -18.87 8.57
C TRP D 241 13.75 -19.57 8.55
N GLU D 242 14.60 -19.20 7.60
CA GLU D 242 15.80 -19.96 7.29
C GLU D 242 17.05 -19.09 7.35
N ILE D 243 18.13 -19.70 7.81
CA ILE D 243 19.47 -19.11 7.82
C ILE D 243 20.42 -20.14 7.23
N ALA D 244 21.03 -19.82 6.10
CA ALA D 244 21.96 -20.71 5.42
C ALA D 244 23.35 -20.10 5.46
N VAL D 245 24.30 -20.83 6.05
CA VAL D 245 25.69 -20.39 6.14
C VAL D 245 26.52 -21.33 5.29
N ASP D 246 26.99 -20.83 4.14
CA ASP D 246 27.84 -21.63 3.27
C ASP D 246 29.28 -21.55 3.76
N THR D 247 29.93 -22.72 3.89
CA THR D 247 31.31 -22.83 4.32
C THR D 247 32.07 -23.74 3.36
N ALA D 248 33.37 -23.88 3.59
CA ALA D 248 34.17 -24.80 2.80
C ALA D 248 33.82 -26.25 3.06
N ASP D 249 33.14 -26.53 4.17
CA ASP D 249 32.67 -27.87 4.48
C ASP D 249 31.21 -28.09 4.11
N GLY D 250 30.63 -27.21 3.31
CA GLY D 250 29.25 -27.32 2.91
C GLY D 250 28.36 -26.33 3.64
N VAL D 251 27.05 -26.50 3.40
CA VAL D 251 26.05 -25.55 3.87
C VAL D 251 25.51 -25.98 5.22
N LEU D 252 25.53 -25.06 6.19
CA LEU D 252 24.78 -25.20 7.42
C LEU D 252 23.46 -24.45 7.26
N ALA D 253 22.35 -25.16 7.42
CA ALA D 253 21.03 -24.61 7.15
C ALA D 253 20.17 -24.70 8.41
N ILE D 254 19.85 -23.55 8.99
CA ILE D 254 18.87 -23.46 10.05
C ILE D 254 17.52 -23.14 9.43
N SER D 255 16.47 -23.87 9.82
CA SER D 255 15.14 -23.62 9.32
C SER D 255 14.15 -23.72 10.47
N ARG D 256 12.87 -23.43 10.17
CA ARG D 256 11.81 -23.39 11.17
C ARG D 256 12.21 -22.51 12.35
N GLY D 257 12.77 -21.34 12.03
CA GLY D 257 13.12 -20.34 13.01
C GLY D 257 14.15 -20.78 14.03
N GLY D 258 14.84 -21.89 13.78
CA GLY D 258 15.83 -22.41 14.71
C GLY D 258 15.48 -23.75 15.31
N ALA D 259 14.32 -24.33 14.98
CA ALA D 259 13.95 -25.64 15.51
C ALA D 259 14.42 -26.78 14.62
N GLN D 260 15.13 -26.47 13.54
CA GLN D 260 15.54 -27.45 12.54
C GLN D 260 16.94 -27.10 12.06
N LEU D 261 17.78 -28.12 11.90
CA LEU D 261 19.17 -27.91 11.50
C LEU D 261 19.62 -29.06 10.62
N SER D 262 20.27 -28.71 9.51
CA SER D 262 21.00 -29.67 8.70
C SER D 262 22.40 -29.13 8.44
N ILE D 263 23.36 -30.04 8.33
CA ILE D 263 24.76 -29.69 8.12
C ILE D 263 25.27 -30.49 6.94
N ALA D 264 25.67 -29.79 5.88
CA ALA D 264 26.09 -30.42 4.62
C ALA D 264 25.01 -31.33 4.07
N GLY D 265 23.77 -30.83 4.06
CA GLY D 265 22.65 -31.54 3.50
C GLY D 265 22.05 -32.62 4.38
N GLU D 266 22.68 -32.96 5.50
CA GLU D 266 22.18 -34.03 6.35
C GLU D 266 21.53 -33.46 7.60
N PRO D 267 20.28 -33.85 7.90
CA PRO D 267 19.61 -33.34 9.09
C PRO D 267 20.37 -33.70 10.37
N VAL D 268 20.30 -32.80 11.34
CA VAL D 268 20.90 -32.99 12.65
C VAL D 268 19.78 -33.12 13.67
N GLU D 269 19.88 -34.11 14.56
CA GLU D 269 18.86 -34.32 15.58
C GLU D 269 19.04 -33.31 16.71
N LEU D 270 17.96 -32.65 17.10
CA LEU D 270 17.99 -31.60 18.10
C LEU D 270 17.06 -31.94 19.25
N GLY D 271 17.37 -31.41 20.43
CA GLY D 271 16.48 -31.50 21.56
C GLY D 271 15.18 -30.76 21.31
N PRO D 272 14.18 -31.01 22.13
CA PRO D 272 12.88 -30.33 21.94
C PRO D 272 13.00 -28.84 22.17
N GLU D 273 12.12 -28.09 21.49
CA GLU D 273 12.11 -26.64 21.65
C GLU D 273 11.72 -26.27 23.07
N ARG D 274 12.49 -25.37 23.66
CA ARG D 274 12.23 -24.85 25.00
C ARG D 274 12.84 -23.46 25.12
N GLU D 275 12.46 -22.57 24.20
CA GLU D 275 13.07 -21.24 24.16
C GLU D 275 12.80 -20.46 25.44
N TYR D 276 11.55 -20.44 25.88
CA TYR D 276 11.24 -19.60 27.04
C TYR D 276 11.62 -20.26 28.37
N PRO D 277 11.47 -21.59 28.52
CA PRO D 277 12.11 -22.21 29.69
C PRO D 277 13.61 -21.95 29.76
N ALA D 278 14.30 -21.95 28.61
CA ALA D 278 15.72 -21.61 28.62
C ALA D 278 15.95 -20.15 28.99
N LEU D 279 15.05 -19.26 28.57
CA LEU D 279 15.18 -17.84 28.92
C LEU D 279 15.07 -17.65 30.43
N TYR D 280 14.08 -18.28 31.06
CA TYR D 280 13.88 -18.06 32.49
C TYR D 280 14.94 -18.75 33.32
N ALA D 281 15.45 -19.89 32.86
CA ALA D 281 16.60 -20.49 33.53
C ALA D 281 17.80 -19.56 33.49
N HIS D 282 18.01 -18.90 32.35
CA HIS D 282 19.13 -17.96 32.23
C HIS D 282 18.90 -16.73 33.10
N PHE D 283 17.67 -16.20 33.12
CA PHE D 283 17.36 -15.07 33.99
C PHE D 283 17.66 -15.40 35.44
N HIS D 284 17.24 -16.59 35.89
CA HIS D 284 17.54 -17.01 37.25
C HIS D 284 19.04 -17.16 37.46
N ALA D 285 19.74 -17.74 36.48
CA ALA D 285 21.19 -17.89 36.60
C ALA D 285 21.87 -16.54 36.68
N LEU D 286 21.41 -15.55 35.90
CA LEU D 286 21.99 -14.22 35.97
C LEU D 286 21.77 -13.59 37.34
N ILE D 287 20.57 -13.73 37.89
CA ILE D 287 20.29 -13.19 39.21
C ILE D 287 21.19 -13.86 40.25
N ALA D 288 21.36 -15.18 40.14
CA ALA D 288 22.22 -15.90 41.06
C ALA D 288 23.67 -15.44 40.95
N ARG D 289 24.12 -15.08 39.75
CA ARG D 289 25.49 -14.64 39.53
C ARG D 289 25.69 -13.15 39.74
N GLY D 290 24.63 -12.39 39.97
CA GLY D 290 24.75 -10.95 40.05
C GLY D 290 25.23 -10.31 38.77
N GLU D 291 24.81 -10.86 37.62
CA GLU D 291 25.26 -10.41 36.32
C GLU D 291 24.08 -9.92 35.49
N SER D 292 24.40 -9.21 34.42
CA SER D 292 23.43 -8.75 33.44
C SER D 292 23.78 -9.32 32.07
N ASP D 293 22.81 -9.24 31.15
CA ASP D 293 22.97 -9.78 29.79
C ASP D 293 22.17 -8.86 28.86
N VAL D 294 22.86 -7.87 28.30
CA VAL D 294 22.20 -6.85 27.48
C VAL D 294 22.91 -6.75 26.14
N ASP D 295 22.58 -7.64 25.21
CA ASP D 295 23.14 -7.63 23.86
C ASP D 295 22.18 -6.87 22.94
N VAL D 296 22.58 -5.67 22.52
CA VAL D 296 21.75 -4.84 21.66
C VAL D 296 22.23 -4.87 20.21
N ARG D 297 23.21 -5.70 19.89
CA ARG D 297 23.70 -5.77 18.51
C ARG D 297 22.61 -6.09 17.49
N PRO D 298 21.65 -6.99 17.74
CA PRO D 298 20.56 -7.16 16.76
C PRO D 298 19.76 -5.89 16.54
N LEU D 299 19.49 -5.12 17.60
CA LEU D 299 18.75 -3.87 17.46
C LEU D 299 19.62 -2.78 16.84
N ARG D 300 20.91 -2.77 17.17
CA ARG D 300 21.81 -1.80 16.55
C ARG D 300 21.84 -1.97 15.04
N LEU D 301 21.82 -3.22 14.57
CA LEU D 301 21.81 -3.48 13.14
C LEU D 301 20.49 -3.03 12.51
N VAL D 302 19.38 -3.26 13.20
CA VAL D 302 18.09 -2.77 12.71
C VAL D 302 18.08 -1.25 12.66
N ALA D 303 18.58 -0.60 13.71
CA ALA D 303 18.71 0.85 13.71
C ALA D 303 19.57 1.32 12.52
N ASP D 304 20.65 0.58 12.22
CA ASP D 304 21.47 0.93 11.07
C ASP D 304 20.67 0.84 9.77
N ALA D 305 19.77 -0.14 9.68
CA ALA D 305 18.96 -0.28 8.47
C ALA D 305 17.97 0.87 8.32
N PHE D 306 17.42 1.36 9.44
CA PHE D 306 16.53 2.51 9.36
C PHE D 306 17.28 3.79 9.06
N LEU D 307 18.50 3.91 9.60
CA LEU D 307 19.28 5.12 9.40
C LEU D 307 19.86 5.19 7.98
N PHE D 308 20.32 4.06 7.46
CA PHE D 308 21.08 4.03 6.22
C PHE D 308 20.30 3.52 5.02
N GLY D 309 19.18 2.85 5.24
CA GLY D 309 18.53 2.14 4.15
C GLY D 309 17.61 3.02 3.32
N ARG D 310 17.46 2.64 2.05
CA ARG D 310 16.48 3.27 1.18
C ARG D 310 15.08 2.90 1.64
N ARG D 311 14.16 3.86 1.57
CA ARG D 311 12.76 3.67 1.94
C ARG D 311 11.91 3.71 0.69
N VAL D 312 11.08 2.67 0.50
CA VAL D 312 10.25 2.53 -0.69
C VAL D 312 8.79 2.43 -0.27
N GLN D 313 7.96 3.30 -0.83
CA GLN D 313 6.54 3.33 -0.50
C GLN D 313 5.79 2.27 -1.29
N THR D 314 4.82 1.62 -0.64
CA THR D 314 4.05 0.57 -1.29
C THR D 314 2.58 0.71 -0.91
N ASP D 315 1.81 -0.30 -1.30
CA ASP D 315 0.36 -0.34 -1.09
C ASP D 315 -0.01 -0.07 0.37
N ALA D 316 -1.14 0.60 0.55
CA ALA D 316 -1.73 0.69 1.88
C ALA D 316 -2.01 -0.72 2.39
N PHE D 317 -1.65 -0.96 3.66
CA PHE D 317 -1.88 -2.27 4.25
C PHE D 317 -3.35 -2.48 4.61
N GLY D 318 -4.07 -1.41 4.95
CA GLY D 318 -5.47 -1.51 5.28
C GLY D 318 -5.74 -1.82 6.74
#